data_9LGI
#
_entry.id   9LGI
#
_cell.length_a   1.00
_cell.length_b   1.00
_cell.length_c   1.00
_cell.angle_alpha   90.00
_cell.angle_beta   90.00
_cell.angle_gamma   90.00
#
_symmetry.space_group_name_H-M   'P 1'
#
loop_
_entity.id
_entity.type
_entity.pdbx_description
1 polymer 'HNH nuclease domain-containing protein'
2 polymer 'sgRNA (156-MER)'
3 polymer 'DNA (41-MER)'
4 polymer 'DNA (41-MER)'
5 non-polymer 'ZINC ION'
6 water water
#
loop_
_entity_poly.entity_id
_entity_poly.type
_entity_poly.pdbx_seq_one_letter_code
_entity_poly.pdbx_strand_id
1 'polypeptide(L)'
;MEKELVLGIDYGGKYTGLAVVNQKNNQVLYARTVKMRDDVTDILAGRREQRSLRRTLQTKKKRLRELKNYLESIGGIYEE
SSGTFTIEPFRTVYSLAHKRGYDYADLPEEKTSEEIEAMDAKERKQWEKEKKELEETQRNSRHRDEVLRDVRNVMTEGNL
SEEQIIKVESIFNKQYRHKRFNNRILTKCKVCGKNTPLRINVRELLLENIVRYLPLQNKERELLKLTILKGHQQDINEIF
KHFRKVYKITLNQKDWPGKNLIDIARNQLRGRLLFCKVHFPENEKYVSIEKKTFRLAPSLKTKIENVLSVIKDDILPNFT
LNNVVMESNNFDIAAKTKGKKRLLKEEYSKGHRESGETRKEALLRETDSRCIYCGKGIDLSNAHEDHIFPRKAGGINIFG
NLVACCSVCNEEKRGRTPLESGILPKPEIVSFITNDLKKKILEDAQYINTLDFNKYMSHASIGWRHMRDRLRELTGNKEL
LIKRQSGIYTAYFRKWWGFIKERGNHGHHALDAVILASKKSYAEDGKVDMTIKPCGEDGKEFDIERHLSEMKEFRRDKGG
KSAPLHDRNPLSFKNDIITRRFMVTEIECGKEAVIISEEYRKKLTEAFKRFGIAKGKYLTDEQAKDAGFYLRKNGEGVMS
LKCEVKGTGYNQMIRIKNNIFKTNVHNVGVAVFLDEKGKKRACELKNPRLSKHFVKPAEQVKGKVIFILKRGNMVTVEGE
EMIYRVKKLGTSPVIEAIVGSDGKTRTVSATKLLKINHTKKV
;
A
2 'polyribonucleotide'
;GGUUAUAACUGAUAUAUGGGGUUACAGUUAAGGCUCUUUGAAAAAAGAGCCUUAAUUGUAAAACGCCUAUACGGUGAGGG
UAUGUACGUUUGGGUUUGUCCAGCCUAAACCUCUACGCCAGAAAUGGCACCUUCAUUGUGGGUUAGGACAAUUUAA
;
B
3 'polydeoxyribonucleotide'
;(DT)(DC)(DT)(DA)(DG)(DA)(DG)(DG)(DA)(DT)(DC)(DC)(DC)(DC)(DC)(DC)(DA)(DT)(DA)(DT)
(DA)(DT)(DC)(DA)(DG)(DT)(DT)(DA)(DT)(DA)(DA)(DC)(DC)(DG)(DA)(DA)(DT)(DT)(DC)(DA)
(DC)
;
C
4 'polydeoxyribonucleotide'
;(DG)(DT)(DG)(DA)(DA)(DT)(DT)(DC)(DC)(DC)(DA)(DA)(DT)(DA)(DT)(DT)(DG)(DA)(DC)(DT)
(DA)(DT)(DA)(DT)(DA)(DC)(DC)(DC)(DG)(DG)(DG)(DA)(DT)(DC)(DC)(DT)(DC)(DT)(DA)(DG)
(DA)
;
D
#
# COMPACT_ATOMS: atom_id res chain seq x y z
N GLU A 2 39.64 -20.31 6.19
CA GLU A 2 38.26 -19.99 6.50
C GLU A 2 38.04 -19.96 8.01
N LYS A 3 39.06 -19.54 8.74
CA LYS A 3 38.97 -19.46 10.20
C LYS A 3 37.93 -18.43 10.64
N GLU A 4 37.90 -17.26 10.01
CA GLU A 4 36.96 -16.20 10.33
C GLU A 4 36.10 -15.93 9.12
N LEU A 5 34.78 -16.04 9.28
CA LEU A 5 33.82 -15.81 8.21
C LEU A 5 32.90 -14.67 8.60
N VAL A 6 32.76 -13.68 7.71
CA VAL A 6 31.95 -12.50 7.95
C VAL A 6 30.94 -12.36 6.82
N LEU A 7 29.68 -12.17 7.18
CA LEU A 7 28.59 -11.98 6.23
C LEU A 7 28.17 -10.52 6.26
N GLY A 8 28.13 -9.90 5.08
CA GLY A 8 27.70 -8.51 4.95
C GLY A 8 26.33 -8.43 4.32
N ILE A 9 25.44 -7.69 4.97
CA ILE A 9 24.06 -7.52 4.52
C ILE A 9 23.83 -6.05 4.25
N ASP A 10 23.36 -5.74 3.04
CA ASP A 10 22.99 -4.37 2.68
C ASP A 10 21.47 -4.30 2.61
N TYR A 11 20.86 -3.62 3.57
CA TYR A 11 19.41 -3.52 3.67
C TYR A 11 18.92 -2.28 2.93
N GLY A 12 18.00 -2.49 1.98
CA GLY A 12 17.44 -1.41 1.20
C GLY A 12 15.93 -1.47 1.16
N GLY A 13 15.34 -0.42 0.59
CA GLY A 13 13.89 -0.35 0.49
C GLY A 13 13.27 -1.39 -0.41
N LYS A 14 13.93 -1.73 -1.53
CA LYS A 14 13.38 -2.68 -2.48
C LYS A 14 14.38 -3.77 -2.82
N TYR A 15 15.67 -3.48 -2.69
CA TYR A 15 16.72 -4.42 -3.03
C TYR A 15 17.64 -4.62 -1.84
N THR A 16 18.03 -5.86 -1.61
CA THR A 16 18.94 -6.23 -0.52
C THR A 16 20.08 -7.07 -1.07
N GLY A 17 21.31 -6.68 -0.74
CA GLY A 17 22.47 -7.43 -1.18
C GLY A 17 23.14 -8.20 -0.07
N LEU A 18 23.30 -9.51 -0.27
CA LEU A 18 23.92 -10.40 0.70
C LEU A 18 25.25 -10.91 0.16
N ALA A 19 26.30 -10.75 0.95
CA ALA A 19 27.63 -11.22 0.58
C ALA A 19 28.38 -11.69 1.81
N VAL A 20 29.09 -12.80 1.67
CA VAL A 20 29.88 -13.38 2.76
C VAL A 20 31.31 -13.58 2.27
N VAL A 21 32.28 -13.05 3.02
CA VAL A 21 33.70 -13.16 2.70
C VAL A 21 34.43 -13.58 3.97
N ASN A 22 35.71 -13.91 3.80
CA ASN A 22 36.58 -14.27 4.91
C ASN A 22 37.64 -13.20 5.10
N GLN A 23 37.96 -12.90 6.36
CA GLN A 23 38.92 -11.85 6.68
C GLN A 23 40.37 -12.32 6.59
N LYS A 24 40.61 -13.61 6.35
CA LYS A 24 41.97 -14.10 6.25
C LYS A 24 42.70 -13.49 5.06
N ASN A 25 42.04 -13.41 3.92
CA ASN A 25 42.65 -12.84 2.73
C ASN A 25 41.70 -11.95 1.93
N ASN A 26 40.53 -11.62 2.48
CA ASN A 26 39.53 -10.79 1.80
C ASN A 26 39.15 -11.39 0.44
N GLN A 27 38.69 -12.63 0.48
CA GLN A 27 38.27 -13.36 -0.71
C GLN A 27 36.76 -13.49 -0.72
N VAL A 28 36.13 -13.13 -1.84
CA VAL A 28 34.68 -13.21 -1.94
C VAL A 28 34.29 -14.66 -2.19
N LEU A 29 33.48 -15.22 -1.29
CA LEU A 29 33.01 -16.59 -1.41
C LEU A 29 31.62 -16.67 -2.03
N TYR A 30 30.71 -15.77 -1.66
CA TYR A 30 29.38 -15.74 -2.24
C TYR A 30 28.87 -14.31 -2.17
N ALA A 31 28.27 -13.84 -3.27
CA ALA A 31 27.72 -12.50 -3.33
C ALA A 31 26.49 -12.53 -4.24
N ARG A 32 25.36 -12.08 -3.71
CA ARG A 32 24.12 -12.08 -4.48
C ARG A 32 23.18 -11.04 -3.90
N THR A 33 22.53 -10.30 -4.80
CA THR A 33 21.49 -9.35 -4.43
C THR A 33 20.13 -9.99 -4.65
N VAL A 34 19.15 -9.56 -3.85
CA VAL A 34 17.80 -10.10 -3.91
C VAL A 34 16.82 -8.96 -4.12
N LYS A 35 15.65 -9.29 -4.67
CA LYS A 35 14.59 -8.31 -4.87
C LYS A 35 13.39 -8.72 -4.00
N MET A 36 12.94 -7.80 -3.15
CA MET A 36 11.86 -8.08 -2.23
C MET A 36 10.51 -7.64 -2.82
N ARG A 37 9.44 -8.23 -2.29
CA ARG A 37 8.10 -7.86 -2.71
C ARG A 37 7.77 -6.44 -2.24
N ASP A 38 7.23 -5.63 -3.14
CA ASP A 38 6.89 -4.25 -2.84
C ASP A 38 5.40 -3.97 -2.94
N ASP A 39 4.61 -4.95 -3.35
CA ASP A 39 3.16 -4.79 -3.49
C ASP A 39 2.42 -5.23 -2.23
N VAL A 40 3.13 -5.64 -1.19
CA VAL A 40 2.47 -6.11 0.03
C VAL A 40 1.74 -4.97 0.72
N THR A 41 2.36 -3.78 0.76
CA THR A 41 1.72 -2.64 1.41
C THR A 41 0.44 -2.25 0.69
N ASP A 42 0.48 -2.23 -0.64
CA ASP A 42 -0.72 -1.90 -1.41
C ASP A 42 -1.79 -2.98 -1.27
N ILE A 43 -1.36 -4.25 -1.27
CA ILE A 43 -2.32 -5.35 -1.13
C ILE A 43 -2.98 -5.32 0.23
N LEU A 44 -2.18 -5.12 1.28
CA LEU A 44 -2.74 -5.06 2.63
C LEU A 44 -3.66 -3.87 2.79
N ALA A 45 -3.27 -2.70 2.26
CA ALA A 45 -4.14 -1.54 2.33
C ALA A 45 -5.41 -1.74 1.53
N GLY A 46 -5.31 -2.32 0.34
CA GLY A 46 -6.49 -2.56 -0.48
C GLY A 46 -7.43 -3.57 0.16
N ARG A 47 -6.88 -4.59 0.82
CA ARG A 47 -7.73 -5.57 1.50
C ARG A 47 -8.51 -4.94 2.64
N ARG A 48 -7.88 -4.02 3.38
CA ARG A 48 -8.57 -3.37 4.49
C ARG A 48 -9.74 -2.52 4.00
N GLU A 49 -9.55 -1.82 2.87
CA GLU A 49 -10.64 -1.00 2.32
C GLU A 49 -11.81 -1.87 1.89
N GLN A 50 -11.52 -3.01 1.24
CA GLN A 50 -12.59 -3.91 0.84
C GLN A 50 -13.29 -4.50 2.06
N ARG A 51 -12.53 -4.88 3.09
CA ARG A 51 -13.13 -5.42 4.30
C ARG A 51 -13.98 -4.37 5.01
N SER A 52 -13.47 -3.14 5.10
CA SER A 52 -14.23 -2.07 5.73
C SER A 52 -15.51 -1.76 4.96
N LEU A 53 -15.42 -1.75 3.62
CA LEU A 53 -16.61 -1.51 2.81
C LEU A 53 -17.62 -2.64 2.97
N ARG A 54 -17.14 -3.88 3.02
CA ARG A 54 -18.06 -5.02 3.18
C ARG A 54 -18.75 -4.97 4.52
N ARG A 55 -18.02 -4.66 5.60
CA ARG A 55 -18.63 -4.57 6.92
C ARG A 55 -19.56 -3.37 7.03
N THR A 56 -19.21 -2.27 6.36
CA THR A 56 -20.08 -1.09 6.36
C THR A 56 -21.41 -1.41 5.68
N LEU A 57 -21.38 -2.13 4.56
CA LEU A 57 -22.61 -2.49 3.87
C LEU A 57 -23.46 -3.43 4.72
N GLN A 58 -22.81 -4.35 5.46
CA GLN A 58 -23.55 -5.25 6.33
C GLN A 58 -24.29 -4.49 7.43
N THR A 59 -23.64 -3.47 8.01
CA THR A 59 -24.29 -2.66 9.02
C THR A 59 -25.46 -1.88 8.44
N LYS A 60 -25.32 -1.39 7.20
CA LYS A 60 -26.41 -0.69 6.54
C LYS A 60 -27.62 -1.60 6.34
N LYS A 61 -27.37 -2.86 5.95
CA LYS A 61 -28.46 -3.81 5.81
C LYS A 61 -29.16 -4.05 7.13
N LYS A 62 -28.40 -4.19 8.22
CA LYS A 62 -29.00 -4.37 9.54
C LYS A 62 -29.81 -3.15 9.95
N ARG A 63 -29.28 -1.96 9.70
CA ARG A 63 -30.01 -0.73 10.05
C ARG A 63 -31.29 -0.61 9.24
N LEU A 64 -31.22 -0.89 7.94
CA LEU A 64 -32.41 -0.79 7.10
C LEU A 64 -33.46 -1.82 7.50
N ARG A 65 -33.03 -3.04 7.82
CA ARG A 65 -33.98 -4.07 8.24
C ARG A 65 -34.67 -3.70 9.54
N GLU A 66 -33.90 -3.19 10.51
CA GLU A 66 -34.48 -2.79 11.79
C GLU A 66 -35.46 -1.63 11.60
N LEU A 67 -35.09 -0.65 10.78
CA LEU A 67 -35.98 0.49 10.54
C LEU A 67 -37.26 0.05 9.82
N LYS A 68 -37.12 -0.86 8.85
CA LYS A 68 -38.30 -1.34 8.11
C LYS A 68 -39.26 -2.07 9.03
N ASN A 69 -38.74 -2.89 9.95
CA ASN A 69 -39.60 -3.59 10.88
C ASN A 69 -40.35 -2.62 11.79
N TYR A 70 -39.65 -1.60 12.29
CA TYR A 70 -40.30 -0.63 13.16
C TYR A 70 -41.33 0.20 12.41
N LEU A 71 -41.02 0.59 11.17
CA LEU A 71 -41.95 1.40 10.40
C LEU A 71 -43.24 0.63 10.11
N GLU A 72 -43.12 -0.67 9.82
CA GLU A 72 -44.31 -1.49 9.59
C GLU A 72 -45.14 -1.62 10.86
N SER A 73 -44.47 -1.69 12.02
CA SER A 73 -45.20 -1.85 13.28
C SER A 73 -46.07 -0.64 13.59
N ILE A 74 -45.56 0.57 13.32
CA ILE A 74 -46.30 1.78 13.66
C ILE A 74 -47.36 2.15 12.65
N GLY A 75 -47.55 1.34 11.60
CA GLY A 75 -48.58 1.59 10.63
C GLY A 75 -48.07 1.79 9.21
N GLY A 76 -46.91 1.21 8.91
CA GLY A 76 -46.35 1.30 7.57
C GLY A 76 -46.66 0.05 6.75
N ILE A 77 -46.84 0.27 5.45
CA ILE A 77 -47.14 -0.81 4.51
C ILE A 77 -45.91 -1.01 3.62
N TYR A 78 -45.35 -2.22 3.67
CA TYR A 78 -44.15 -2.56 2.93
C TYR A 78 -44.50 -3.55 1.82
N GLU A 79 -44.04 -3.26 0.61
CA GLU A 79 -44.25 -4.11 -0.55
C GLU A 79 -42.92 -4.70 -0.99
N GLU A 80 -42.87 -6.02 -1.16
CA GLU A 80 -41.63 -6.69 -1.53
C GLU A 80 -41.18 -6.30 -2.93
N SER A 81 -42.14 -6.15 -3.86
CA SER A 81 -41.79 -5.85 -5.25
C SER A 81 -41.14 -4.47 -5.35
N SER A 82 -41.75 -3.45 -4.74
CA SER A 82 -41.20 -2.11 -4.80
C SER A 82 -40.01 -1.95 -3.86
N GLY A 83 -40.05 -2.61 -2.70
CA GLY A 83 -38.98 -2.52 -1.74
C GLY A 83 -39.02 -1.33 -0.82
N THR A 84 -40.04 -0.49 -0.92
CA THR A 84 -40.15 0.69 -0.07
C THR A 84 -41.62 0.94 0.26
N PHE A 85 -41.83 1.70 1.33
CA PHE A 85 -43.18 1.99 1.79
C PHE A 85 -43.88 2.97 0.85
N THR A 86 -45.19 2.78 0.70
CA THR A 86 -45.98 3.65 -0.17
C THR A 86 -46.27 5.00 0.48
N ILE A 87 -46.43 5.05 1.80
CA ILE A 87 -46.76 6.29 2.47
C ILE A 87 -45.55 7.23 2.45
N GLU A 88 -45.80 8.49 2.14
CA GLU A 88 -44.72 9.47 1.99
C GLU A 88 -43.89 9.64 3.27
N PRO A 89 -44.48 9.82 4.46
CA PRO A 89 -43.63 9.97 5.65
C PRO A 89 -42.72 8.77 5.90
N PHE A 90 -43.20 7.56 5.64
CA PHE A 90 -42.38 6.37 5.84
C PHE A 90 -41.37 6.21 4.71
N ARG A 91 -41.76 6.54 3.48
CA ARG A 91 -40.85 6.43 2.35
C ARG A 91 -39.66 7.37 2.48
N THR A 92 -39.92 8.61 2.91
CA THR A 92 -38.84 9.58 3.06
C THR A 92 -37.85 9.17 4.15
N VAL A 93 -38.36 8.64 5.26
CA VAL A 93 -37.48 8.20 6.35
C VAL A 93 -36.61 7.05 5.88
N TYR A 94 -37.19 6.08 5.15
CA TYR A 94 -36.41 4.97 4.63
C TYR A 94 -35.37 5.44 3.64
N SER A 95 -35.72 6.40 2.77
CA SER A 95 -34.77 6.94 1.81
C SER A 95 -33.63 7.66 2.51
N LEU A 96 -33.94 8.43 3.55
CA LEU A 96 -32.92 9.16 4.29
C LEU A 96 -32.04 8.25 5.12
N ALA A 97 -32.49 7.02 5.40
CA ALA A 97 -31.68 6.10 6.19
C ALA A 97 -30.44 5.63 5.45
N HIS A 98 -30.49 5.63 4.11
CA HIS A 98 -29.34 5.20 3.33
C HIS A 98 -28.16 6.14 3.53
N LYS A 99 -28.42 7.44 3.57
CA LYS A 99 -27.39 8.46 3.80
C LYS A 99 -27.75 9.21 5.09
N ARG A 100 -27.28 8.69 6.22
CA ARG A 100 -27.59 9.26 7.51
C ARG A 100 -26.62 10.35 7.95
N GLY A 101 -25.53 10.56 7.20
CA GLY A 101 -24.56 11.58 7.54
C GLY A 101 -23.56 11.10 8.59
N TYR A 102 -22.56 11.94 8.83
CA TYR A 102 -21.51 11.64 9.78
C TYR A 102 -21.76 12.39 11.09
N ASP A 103 -21.28 11.79 12.20
CA ASP A 103 -21.46 12.39 13.51
C ASP A 103 -20.21 12.29 14.36
N TYR A 104 -19.03 12.32 13.73
CA TYR A 104 -17.78 12.27 14.49
C TYR A 104 -17.39 13.63 15.06
N ALA A 105 -18.00 14.71 14.59
CA ALA A 105 -17.72 16.05 15.10
C ALA A 105 -19.02 16.82 15.23
N ASP A 106 -19.03 17.76 16.18
CA ASP A 106 -20.22 18.56 16.43
C ASP A 106 -20.40 19.60 15.33
N LEU A 107 -21.65 20.01 15.13
CA LEU A 107 -21.94 21.02 14.12
C LEU A 107 -21.44 22.39 14.59
N PRO A 108 -20.63 23.09 13.78
CA PRO A 108 -20.11 24.40 14.15
C PRO A 108 -21.18 25.49 14.13
N ARG A 139 -24.36 18.96 -1.46
CA ARG A 139 -23.48 18.28 -0.52
C ARG A 139 -23.96 16.86 -0.25
N ASN A 140 -23.23 15.87 -0.79
CA ASN A 140 -23.62 14.48 -0.63
C ASN A 140 -23.56 14.05 0.84
N SER A 141 -22.50 14.45 1.54
CA SER A 141 -22.31 14.11 2.96
C SER A 141 -22.26 15.42 3.74
N ARG A 142 -23.40 15.81 4.32
CA ARG A 142 -23.49 17.08 5.01
C ARG A 142 -23.21 16.93 6.51
N HIS A 143 -24.05 16.17 7.21
CA HIS A 143 -23.92 15.91 8.65
C HIS A 143 -25.06 14.98 9.04
N ARG A 144 -24.93 14.39 10.23
CA ARG A 144 -26.01 13.57 10.76
C ARG A 144 -27.13 14.43 11.33
N ASP A 145 -26.81 15.58 11.92
CA ASP A 145 -27.84 16.45 12.49
C ASP A 145 -28.75 17.00 11.40
N GLU A 146 -28.20 17.38 10.25
CA GLU A 146 -29.02 17.87 9.15
C GLU A 146 -29.94 16.77 8.62
N VAL A 147 -29.43 15.54 8.53
CA VAL A 147 -30.27 14.42 8.13
C VAL A 147 -31.35 14.17 9.17
N LEU A 148 -30.99 14.22 10.45
CA LEU A 148 -31.97 14.04 11.52
C LEU A 148 -33.01 15.15 11.50
N ARG A 149 -32.58 16.39 11.26
CA ARG A 149 -33.53 17.49 11.14
C ARG A 149 -34.46 17.29 9.95
N ASP A 150 -33.91 16.81 8.83
CA ASP A 150 -34.76 16.49 7.67
C ASP A 150 -35.71 15.35 8.00
N VAL A 151 -35.24 14.34 8.74
CA VAL A 151 -36.10 13.23 9.14
C VAL A 151 -37.20 13.73 10.07
N ARG A 152 -36.85 14.56 11.04
CA ARG A 152 -37.84 15.04 12.01
C ARG A 152 -38.90 15.88 11.31
N ASN A 153 -38.51 16.71 10.34
CA ASN A 153 -39.48 17.55 9.65
C ASN A 153 -40.51 16.72 8.90
N VAL A 154 -40.08 15.65 8.22
CA VAL A 154 -41.02 14.83 7.47
C VAL A 154 -41.88 13.98 8.39
N MET A 155 -41.37 13.63 9.58
CA MET A 155 -42.18 12.90 10.54
C MET A 155 -43.23 13.81 11.17
N THR A 156 -42.86 15.06 11.47
CA THR A 156 -43.82 16.01 12.02
C THR A 156 -44.93 16.33 11.03
N GLU A 157 -44.58 16.52 9.77
CA GLU A 157 -45.58 16.83 8.75
C GLU A 157 -46.55 15.67 8.52
N GLY A 158 -46.18 14.46 8.89
CA GLY A 158 -47.02 13.30 8.75
C GLY A 158 -47.97 13.05 9.90
N ASN A 159 -48.04 13.96 10.87
CA ASN A 159 -48.92 13.84 12.03
C ASN A 159 -48.61 12.56 12.81
N LEU A 160 -47.38 12.50 13.33
CA LEU A 160 -46.90 11.36 14.07
C LEU A 160 -46.38 11.81 15.43
N SER A 161 -46.47 10.91 16.41
CA SER A 161 -46.11 11.23 17.78
C SER A 161 -44.59 11.40 17.92
N GLU A 162 -44.19 12.14 18.95
CA GLU A 162 -42.77 12.37 19.19
C GLU A 162 -42.06 11.10 19.64
N GLU A 163 -42.81 10.14 20.19
CA GLU A 163 -42.19 8.86 20.58
C GLU A 163 -41.65 8.12 19.37
N GLN A 164 -42.39 8.13 18.26
CA GLN A 164 -41.92 7.48 17.04
C GLN A 164 -40.67 8.18 16.49
N ILE A 165 -40.65 9.52 16.54
CA ILE A 165 -39.51 10.26 16.04
C ILE A 165 -38.26 9.94 16.84
N ILE A 166 -38.39 9.86 18.17
CA ILE A 166 -37.24 9.54 19.02
C ILE A 166 -36.72 8.16 18.70
N LYS A 167 -37.62 7.18 18.53
CA LYS A 167 -37.18 5.82 18.21
C LYS A 167 -36.50 5.77 16.86
N VAL A 168 -37.03 6.50 15.87
CA VAL A 168 -36.41 6.53 14.55
C VAL A 168 -35.02 7.16 14.63
N GLU A 169 -34.89 8.24 15.38
CA GLU A 169 -33.58 8.88 15.56
C GLU A 169 -32.61 7.94 16.27
N SER A 170 -33.11 7.16 17.23
CA SER A 170 -32.25 6.20 17.92
C SER A 170 -31.72 5.14 16.95
N ILE A 171 -32.56 4.69 16.01
CA ILE A 171 -32.13 3.72 15.02
C ILE A 171 -31.04 4.32 14.14
N PHE A 172 -31.18 5.59 13.77
CA PHE A 172 -30.18 6.24 12.94
C PHE A 172 -28.84 6.33 13.67
N ASN A 173 -28.87 6.63 14.96
CA ASN A 173 -27.65 6.74 15.76
C ASN A 173 -27.22 5.43 16.39
N LYS A 174 -27.96 4.35 16.14
CA LYS A 174 -27.62 3.06 16.74
C LYS A 174 -26.33 2.51 16.14
N GLN A 175 -25.53 1.87 17.00
CA GLN A 175 -24.27 1.25 16.59
C GLN A 175 -24.43 -0.26 16.69
N TYR A 176 -24.20 -0.97 15.58
CA TYR A 176 -24.36 -2.41 15.55
C TYR A 176 -23.06 -3.14 15.88
N ARG A 177 -21.92 -2.60 15.45
CA ARG A 177 -20.61 -3.17 15.75
C ARG A 177 -19.85 -2.20 16.63
N HIS A 178 -19.64 -2.58 17.90
CA HIS A 178 -18.98 -1.70 18.84
C HIS A 178 -17.50 -1.59 18.55
N LYS A 179 -16.95 -0.40 18.77
CA LYS A 179 -15.54 -0.14 18.54
C LYS A 179 -14.74 -0.53 19.79
N ARG A 180 -13.67 -1.30 19.59
CA ARG A 180 -12.80 -1.77 20.67
C ARG A 180 -11.37 -1.43 20.30
N PHE A 181 -10.89 -0.32 20.84
CA PHE A 181 -9.55 0.12 20.57
C PHE A 181 -8.74 0.17 21.84
N ASN A 182 -9.41 0.13 22.98
CA ASN A 182 -8.68 0.08 24.23
C ASN A 182 -8.03 -1.28 24.33
N ASN A 183 -7.28 -1.54 25.39
CA ASN A 183 -6.69 -2.86 25.58
C ASN A 183 -6.45 -3.62 24.27
N ARG A 184 -5.59 -3.10 23.40
CA ARG A 184 -5.28 -3.83 22.18
C ARG A 184 -3.78 -3.81 21.92
N ILE A 185 -3.27 -4.93 21.40
CA ILE A 185 -1.84 -5.12 21.14
C ILE A 185 -1.05 -4.85 22.42
N LEU A 186 -1.25 -5.70 23.42
CA LEU A 186 -0.56 -5.55 24.69
C LEU A 186 0.92 -5.86 24.54
N THR A 187 1.75 -5.05 25.18
CA THR A 187 3.19 -5.22 25.13
C THR A 187 3.67 -6.10 26.28
N LYS A 188 4.59 -7.01 25.98
CA LYS A 188 5.17 -7.87 27.00
C LYS A 188 6.37 -7.20 27.64
N CYS A 189 6.59 -7.51 28.92
CA CYS A 189 7.70 -6.92 29.65
C CYS A 189 9.03 -7.47 29.14
N LYS A 190 10.08 -6.69 29.39
CA LYS A 190 11.42 -7.09 28.95
C LYS A 190 11.90 -8.33 29.71
N VAL A 191 11.62 -8.39 31.01
CA VAL A 191 12.10 -9.49 31.84
C VAL A 191 11.08 -10.63 31.84
N CYS A 192 9.87 -10.35 32.29
CA CYS A 192 8.82 -11.36 32.38
C CYS A 192 7.82 -11.18 31.25
N GLY A 193 6.81 -12.04 31.22
CA GLY A 193 5.77 -12.00 30.22
C GLY A 193 4.50 -11.29 30.63
N LYS A 194 4.51 -10.55 31.73
CA LYS A 194 3.31 -9.85 32.19
C LYS A 194 2.98 -8.68 31.26
N ASN A 195 1.69 -8.36 31.20
CA ASN A 195 1.22 -7.28 30.34
C ASN A 195 1.74 -5.93 30.82
N THR A 196 2.12 -5.08 29.87
CA THR A 196 2.61 -3.76 30.20
C THR A 196 1.43 -2.81 30.44
N PRO A 197 1.38 -2.13 31.59
CA PRO A 197 0.27 -1.20 31.83
C PRO A 197 0.34 0.00 30.90
N LEU A 198 -0.84 0.55 30.60
CA LEU A 198 -0.91 1.73 29.75
C LEU A 198 -0.29 2.93 30.45
N ARG A 199 0.36 3.79 29.66
CA ARG A 199 1.06 4.95 30.22
C ARG A 199 0.12 5.97 30.83
N ILE A 200 -1.17 5.92 30.50
CA ILE A 200 -2.11 6.91 31.03
C ILE A 200 -2.38 6.71 32.51
N ASN A 201 -2.03 5.54 33.07
CA ASN A 201 -2.10 5.28 34.50
C ASN A 201 -0.72 5.11 35.11
N VAL A 202 0.28 5.80 34.55
CA VAL A 202 1.67 5.64 34.95
C VAL A 202 2.24 7.03 35.22
N ARG A 203 1.42 8.06 34.97
CA ARG A 203 1.87 9.44 35.06
C ARG A 203 2.51 9.73 36.42
N GLU A 204 2.00 9.11 37.48
CA GLU A 204 2.63 9.27 38.80
C GLU A 204 4.00 8.61 38.82
N LEU A 205 4.13 7.43 38.21
CA LEU A 205 5.41 6.72 38.22
C LEU A 205 6.46 7.43 37.39
N LEU A 206 6.08 7.96 36.23
CA LEU A 206 7.04 8.62 35.36
C LEU A 206 7.62 9.88 35.98
N LEU A 207 6.84 10.57 36.81
CA LEU A 207 7.33 11.78 37.47
C LEU A 207 8.50 11.46 38.40
N GLU A 208 8.41 10.35 39.13
CA GLU A 208 9.46 9.97 40.06
C GLU A 208 10.73 9.49 39.36
N ASN A 209 10.68 9.21 38.06
CA ASN A 209 11.87 8.73 37.37
C ASN A 209 12.92 9.82 37.19
N ILE A 210 12.51 11.09 37.24
CA ILE A 210 13.43 12.20 37.01
C ILE A 210 13.91 12.75 38.34
N VAL A 211 13.05 12.73 39.35
CA VAL A 211 13.35 13.30 40.65
C VAL A 211 14.38 12.46 41.40
N ARG A 212 14.71 11.29 40.84
CA ARG A 212 15.73 10.44 41.47
C ARG A 212 17.09 11.13 41.50
N TYR A 213 17.44 11.82 40.42
CA TYR A 213 18.72 12.50 40.31
C TYR A 213 18.50 14.01 40.29
N LEU A 214 19.44 14.72 40.92
CA LEU A 214 19.41 16.18 41.02
C LEU A 214 18.10 16.68 41.64
N TRP A 256 17.28 23.02 29.39
CA TRP A 256 17.14 22.90 30.85
C TRP A 256 16.20 21.75 31.20
N PRO A 257 16.62 20.92 32.16
CA PRO A 257 15.78 19.78 32.58
C PRO A 257 14.65 20.19 33.51
N GLY A 258 13.92 21.24 33.14
CA GLY A 258 12.81 21.70 33.96
C GLY A 258 11.47 21.58 33.25
N LYS A 259 11.48 21.71 31.92
CA LYS A 259 10.26 21.56 31.14
C LYS A 259 9.98 20.11 30.77
N ASN A 260 10.93 19.20 31.02
CA ASN A 260 10.70 17.80 30.70
C ASN A 260 9.59 17.21 31.56
N LEU A 261 9.58 17.51 32.85
CA LEU A 261 8.58 16.93 33.75
C LEU A 261 7.19 17.44 33.44
N ILE A 262 7.08 18.63 32.82
CA ILE A 262 5.79 19.19 32.48
C ILE A 262 5.08 18.34 31.43
N ASP A 263 5.84 17.75 30.50
CA ASP A 263 5.25 17.05 29.37
C ASP A 263 4.39 15.87 29.81
N ILE A 264 4.86 15.10 30.79
CA ILE A 264 4.11 13.92 31.23
C ILE A 264 2.75 14.33 31.80
N ALA A 265 2.64 15.55 32.33
CA ALA A 265 1.44 15.94 33.07
C ALA A 265 0.28 16.29 32.15
N ARG A 266 0.51 17.16 31.17
CA ARG A 266 -0.57 17.86 30.48
C ARG A 266 -0.58 17.58 28.97
N ASN A 267 -0.44 16.33 28.57
CA ASN A 267 -0.64 15.95 27.17
C ASN A 267 -0.87 14.45 27.11
N GLN A 268 -1.13 13.96 25.89
CA GLN A 268 -1.35 12.54 25.67
C GLN A 268 -0.07 11.75 25.91
N LEU A 269 -0.24 10.49 26.29
CA LEU A 269 0.86 9.62 26.66
C LEU A 269 0.75 8.26 25.97
N ARG A 270 0.52 8.30 24.66
CA ARG A 270 0.42 7.07 23.88
C ARG A 270 1.76 6.33 23.89
N GLY A 271 1.71 5.02 24.11
CA GLY A 271 2.90 4.21 24.16
C GLY A 271 3.07 3.44 25.45
N ARG A 272 3.36 2.15 25.36
CA ARG A 272 3.52 1.32 26.54
C ARG A 272 4.90 1.53 27.17
N LEU A 273 5.04 1.07 28.41
CA LEU A 273 6.27 1.23 29.15
C LEU A 273 7.36 0.23 28.76
N LEU A 274 6.99 -0.85 28.06
CA LEU A 274 7.88 -1.98 27.81
C LEU A 274 8.40 -2.62 29.10
N PHE A 275 7.70 -2.39 30.20
CA PHE A 275 8.08 -2.93 31.50
C PHE A 275 6.83 -3.08 32.35
N CYS A 276 6.89 -3.94 33.35
CA CYS A 276 5.74 -4.11 34.19
C CYS A 276 5.79 -3.13 35.36
N LYS A 277 4.93 -3.28 36.35
CA LYS A 277 4.81 -2.31 37.43
C LYS A 277 5.71 -2.62 38.62
N VAL A 278 6.48 -3.71 38.57
CA VAL A 278 7.36 -4.07 39.67
C VAL A 278 8.84 -3.91 39.30
N HIS A 279 9.18 -3.83 38.02
CA HIS A 279 10.56 -3.60 37.59
C HIS A 279 10.81 -2.17 37.14
N PHE A 280 9.81 -1.48 36.61
CA PHE A 280 10.00 -0.10 36.19
C PHE A 280 10.34 0.84 37.35
N PRO A 281 9.65 0.82 38.52
CA PRO A 281 9.98 1.79 39.57
C PRO A 281 11.42 1.75 40.05
N GLU A 282 11.88 0.59 40.53
CA GLU A 282 13.19 0.48 41.17
C GLU A 282 14.22 -0.31 40.38
N ASN A 283 13.80 -1.25 39.54
CA ASN A 283 14.74 -2.08 38.77
C ASN A 283 15.05 -1.53 37.39
N GLU A 284 15.00 -0.20 37.23
CA GLU A 284 15.30 0.42 35.95
C GLU A 284 16.75 0.24 35.54
N LYS A 285 17.66 0.00 36.48
CA LYS A 285 19.08 -0.22 36.18
C LYS A 285 19.26 -1.68 35.78
N TYR A 286 18.64 -2.05 34.66
CA TYR A 286 18.67 -3.40 34.14
C TYR A 286 19.15 -3.41 32.69
N VAL A 287 20.24 -2.68 32.43
CA VAL A 287 20.74 -2.51 31.08
C VAL A 287 21.59 -3.71 30.69
N SER A 288 20.93 -4.81 30.34
CA SER A 288 21.62 -6.02 29.92
C SER A 288 21.03 -6.69 28.70
N ILE A 289 19.83 -6.30 28.26
CA ILE A 289 19.16 -6.92 27.13
C ILE A 289 18.96 -5.90 26.02
N GLU A 290 18.81 -6.40 24.80
CA GLU A 290 18.56 -5.55 23.64
C GLU A 290 17.10 -5.13 23.59
N LYS A 291 16.83 -4.12 22.77
CA LYS A 291 15.46 -3.63 22.58
C LYS A 291 14.65 -4.67 21.81
N LYS A 292 13.80 -5.40 22.51
CA LYS A 292 13.01 -6.44 21.88
C LYS A 292 11.97 -5.85 20.94
N THR A 293 11.81 -6.46 19.77
CA THR A 293 10.83 -6.04 18.77
C THR A 293 9.87 -7.19 18.55
N PHE A 294 8.62 -7.01 18.97
CA PHE A 294 7.61 -8.05 18.84
C PHE A 294 6.63 -7.81 17.71
N ARG A 295 6.40 -6.56 17.31
CA ARG A 295 5.46 -6.21 16.27
C ARG A 295 6.19 -5.63 15.07
N LEU A 296 5.93 -6.19 13.89
CA LEU A 296 6.50 -5.70 12.65
C LEU A 296 5.42 -5.67 11.58
N ALA A 297 5.54 -4.71 10.67
CA ALA A 297 4.58 -4.60 9.59
C ALA A 297 4.67 -5.82 8.68
N PRO A 298 3.54 -6.36 8.22
CA PRO A 298 3.60 -7.54 7.34
C PRO A 298 4.42 -7.33 6.07
N SER A 299 4.35 -6.14 5.47
CA SER A 299 5.17 -5.88 4.29
C SER A 299 6.66 -5.88 4.64
N LEU A 300 7.01 -5.26 5.77
CA LEU A 300 8.40 -5.28 6.21
C LEU A 300 8.81 -6.66 6.70
N LYS A 301 7.89 -7.38 7.34
CA LYS A 301 8.19 -8.72 7.83
C LYS A 301 8.47 -9.68 6.67
N THR A 302 7.65 -9.63 5.63
CA THR A 302 7.86 -10.53 4.50
C THR A 302 9.08 -10.13 3.67
N LYS A 303 9.48 -8.87 3.73
CA LYS A 303 10.72 -8.46 3.08
C LYS A 303 11.93 -9.11 3.74
N ILE A 304 11.93 -9.16 5.08
CA ILE A 304 13.03 -9.79 5.80
C ILE A 304 12.99 -11.30 5.61
N GLU A 305 11.79 -11.90 5.62
CA GLU A 305 11.67 -13.34 5.43
C GLU A 305 12.16 -13.76 4.05
N ASN A 306 11.87 -12.95 3.03
CA ASN A 306 12.38 -13.25 1.69
C ASN A 306 13.90 -13.21 1.65
N VAL A 307 14.50 -12.22 2.33
CA VAL A 307 15.95 -12.14 2.42
C VAL A 307 16.50 -13.33 3.19
N LEU A 308 15.87 -13.67 4.32
CA LEU A 308 16.32 -14.82 5.10
C LEU A 308 16.13 -16.13 4.34
N SER A 309 15.14 -16.20 3.46
CA SER A 309 14.94 -17.40 2.67
C SER A 309 16.12 -17.67 1.75
N VAL A 310 16.68 -16.62 1.15
CA VAL A 310 17.84 -16.78 0.29
C VAL A 310 19.04 -17.23 1.10
N ILE A 311 19.16 -16.73 2.34
CA ILE A 311 20.28 -17.10 3.19
C ILE A 311 20.24 -18.59 3.51
N LYS A 312 19.05 -19.13 3.80
CA LYS A 312 18.93 -20.52 4.20
C LYS A 312 19.29 -21.48 3.07
N ASP A 313 18.94 -21.12 1.83
CA ASP A 313 19.17 -22.04 0.71
C ASP A 313 20.65 -22.09 0.33
N ASP A 314 21.34 -20.96 0.37
CA ASP A 314 22.71 -20.87 -0.12
C ASP A 314 23.73 -20.72 1.02
N ILE A 315 23.56 -19.70 1.88
CA ILE A 315 24.56 -19.42 2.90
C ILE A 315 24.57 -20.51 3.97
N LEU A 316 23.39 -20.95 4.41
CA LEU A 316 23.31 -21.89 5.52
C LEU A 316 24.00 -23.22 5.24
N PRO A 317 23.75 -23.92 4.12
CA PRO A 317 24.37 -25.23 3.93
C PRO A 317 25.79 -25.19 3.38
N ASN A 318 26.30 -24.01 3.01
CA ASN A 318 27.62 -23.90 2.41
C ASN A 318 28.69 -23.45 3.41
N PHE A 319 28.49 -22.31 4.05
CA PHE A 319 29.49 -21.73 4.94
C PHE A 319 28.85 -21.38 6.28
N THR A 320 29.69 -21.35 7.31
CA THR A 320 29.29 -20.95 8.65
C THR A 320 29.46 -19.44 8.82
N LEU A 321 28.80 -18.91 9.84
CA LEU A 321 28.82 -17.49 10.13
C LEU A 321 29.48 -17.24 11.49
N ASN A 322 30.43 -16.32 11.52
CA ASN A 322 31.10 -15.90 12.74
C ASN A 322 30.79 -14.46 13.12
N ASN A 323 30.66 -13.57 12.15
CA ASN A 323 30.28 -12.19 12.39
C ASN A 323 29.38 -11.71 11.26
N VAL A 324 28.48 -10.79 11.59
CA VAL A 324 27.54 -10.24 10.61
C VAL A 324 27.46 -8.73 10.84
N VAL A 325 27.46 -7.97 9.75
CA VAL A 325 27.36 -6.52 9.80
C VAL A 325 26.22 -6.08 8.89
N MET A 326 25.66 -4.91 9.18
CA MET A 326 24.56 -4.34 8.43
C MET A 326 24.80 -2.86 8.20
N GLU A 327 24.22 -2.34 7.11
CA GLU A 327 24.36 -0.93 6.76
C GLU A 327 23.29 -0.13 7.52
N SER A 328 23.73 0.68 8.47
CA SER A 328 22.80 1.51 9.21
C SER A 328 22.23 2.61 8.32
N ASN A 329 20.90 2.73 8.30
CA ASN A 329 20.22 3.71 7.45
C ASN A 329 19.82 4.90 8.32
N ASN A 330 20.78 5.80 8.53
CA ASN A 330 20.53 7.04 9.24
C ASN A 330 20.06 8.11 8.26
N PHE A 331 18.84 7.92 7.76
CA PHE A 331 18.30 8.76 6.71
C PHE A 331 17.86 10.14 7.21
N ASP A 332 17.77 10.34 8.53
CA ASP A 332 17.32 11.60 9.11
C ASP A 332 15.94 11.98 8.55
N ILE A 333 14.95 11.14 8.88
CA ILE A 333 13.60 11.34 8.37
C ILE A 333 13.05 12.68 8.82
N ALA A 334 13.36 13.08 10.06
CA ALA A 334 12.90 14.38 10.55
C ALA A 334 13.54 15.54 9.80
N ALA A 335 14.60 15.30 9.05
CA ALA A 335 15.29 16.34 8.29
C ALA A 335 14.95 16.35 6.81
N LYS A 336 14.89 15.18 6.17
CA LYS A 336 14.62 15.12 4.74
C LYS A 336 13.14 15.30 4.41
N THR A 337 12.26 15.26 5.41
CA THR A 337 10.82 15.39 5.17
C THR A 337 10.39 16.83 4.95
N LYS A 338 11.25 17.81 5.27
CA LYS A 338 10.93 19.22 5.11
C LYS A 338 11.58 19.83 3.87
N GLY A 339 12.12 19.00 2.99
CA GLY A 339 12.78 19.49 1.80
C GLY A 339 14.20 19.97 2.00
N LYS A 340 14.76 19.79 3.19
CA LYS A 340 16.11 20.23 3.51
C LYS A 340 17.00 19.01 3.73
N LYS A 341 18.26 19.26 4.07
CA LYS A 341 19.24 18.21 4.34
C LYS A 341 19.36 17.94 5.84
N ARG A 342 19.66 18.97 6.63
CA ARG A 342 19.77 18.81 8.07
C ARG A 342 19.54 20.19 8.71
N LEU A 343 18.40 20.35 9.37
CA LEU A 343 18.05 21.61 10.00
C LEU A 343 18.73 21.71 11.37
N LEU A 344 18.40 22.76 12.12
CA LEU A 344 19.03 23.00 13.41
C LEU A 344 18.57 21.95 14.44
N LYS A 345 19.43 21.72 15.43
CA LYS A 345 19.11 20.76 16.49
C LYS A 345 17.92 21.22 17.32
N GLU A 346 17.85 22.52 17.63
CA GLU A 346 16.75 23.02 18.45
C GLU A 346 15.41 22.98 17.73
N GLU A 347 15.41 22.91 16.40
CA GLU A 347 14.18 22.85 15.63
C GLU A 347 13.61 21.44 15.52
N TYR A 348 14.33 20.43 16.02
CA TYR A 348 13.82 19.07 15.97
C TYR A 348 12.72 18.83 17.01
N SER A 349 12.78 19.53 18.14
CA SER A 349 11.76 19.36 19.17
C SER A 349 10.39 19.81 18.68
N LYS A 350 10.33 20.93 17.96
CA LYS A 350 9.08 21.48 17.46
C LYS A 350 8.92 21.10 16.00
N GLY A 351 7.86 20.34 15.70
CA GLY A 351 7.57 19.89 14.36
C GLY A 351 6.73 20.88 13.58
N HIS A 352 6.22 20.40 12.44
CA HIS A 352 5.37 21.24 11.60
C HIS A 352 4.05 21.59 12.28
N ARG A 353 3.49 20.65 13.04
CA ARG A 353 2.24 20.90 13.74
C ARG A 353 2.43 21.96 14.82
N GLU A 354 1.39 22.76 15.04
CA GLU A 354 1.43 23.79 16.05
C GLU A 354 1.42 23.18 17.45
N SER A 355 1.93 23.95 18.41
CA SER A 355 1.99 23.48 19.79
C SER A 355 0.58 23.36 20.36
N GLY A 356 0.31 22.24 21.03
CA GLY A 356 -1.00 22.01 21.60
C GLY A 356 -2.10 21.92 20.57
N GLU A 357 -1.85 21.25 19.45
CA GLU A 357 -2.83 21.13 18.38
C GLU A 357 -2.54 19.85 17.60
N THR A 358 -3.44 19.52 16.69
CA THR A 358 -3.34 18.34 15.85
C THR A 358 -3.02 18.74 14.41
N ARG A 359 -2.98 17.75 13.53
CA ARG A 359 -2.70 18.01 12.12
C ARG A 359 -3.81 18.86 11.50
N LYS A 360 -5.07 18.58 11.83
CA LYS A 360 -6.17 19.36 11.30
C LYS A 360 -6.13 20.80 11.78
N GLU A 361 -5.84 21.01 13.07
CA GLU A 361 -5.76 22.36 13.60
C GLU A 361 -4.60 23.14 12.99
N ALA A 362 -3.45 22.49 12.82
CA ALA A 362 -2.30 23.15 12.22
C ALA A 362 -2.56 23.52 10.76
N LEU A 363 -3.23 22.63 10.02
CA LEU A 363 -3.53 22.92 8.62
C LEU A 363 -4.47 24.11 8.49
N LEU A 364 -5.46 24.20 9.37
CA LEU A 364 -6.42 25.32 9.31
C LEU A 364 -5.74 26.63 9.64
N ARG A 365 -4.79 26.62 10.58
CA ARG A 365 -4.11 27.86 10.97
C ARG A 365 -3.33 28.45 9.81
N GLU A 366 -2.65 27.61 9.03
CA GLU A 366 -1.90 28.10 7.89
C GLU A 366 -2.81 28.63 6.78
N THR A 367 -4.07 28.19 6.74
CA THR A 367 -5.04 28.64 5.76
C THR A 367 -6.04 29.62 6.38
N ASP A 368 -5.85 29.99 7.65
CA ASP A 368 -6.73 30.90 8.37
C ASP A 368 -8.15 30.33 8.47
N SER A 369 -8.26 29.02 8.64
CA SER A 369 -9.55 28.33 8.81
C SER A 369 -10.46 28.56 7.61
N ARG A 370 -9.88 28.60 6.41
CA ARG A 370 -10.66 28.69 5.18
C ARG A 370 -10.24 27.58 4.22
N CYS A 371 -10.75 27.64 2.99
CA CYS A 371 -10.41 26.67 1.96
C CYS A 371 -9.50 27.31 0.93
N ILE A 372 -8.41 26.63 0.58
CA ILE A 372 -7.50 27.15 -0.43
C ILE A 372 -8.14 27.07 -1.82
N TYR A 373 -8.87 25.99 -2.10
CA TYR A 373 -9.38 25.78 -3.45
C TYR A 373 -10.53 26.73 -3.79
N CYS A 374 -11.48 26.91 -2.87
CA CYS A 374 -12.67 27.70 -3.14
C CYS A 374 -12.84 28.92 -2.26
N GLY A 375 -12.14 29.01 -1.13
CA GLY A 375 -12.24 30.16 -0.26
C GLY A 375 -13.38 30.13 0.73
N LYS A 376 -14.19 29.08 0.74
CA LYS A 376 -15.31 29.00 1.68
C LYS A 376 -14.80 28.72 3.09
N GLY A 377 -15.61 29.10 4.07
CA GLY A 377 -15.29 28.86 5.47
C GLY A 377 -15.14 27.39 5.80
N ILE A 378 -14.08 27.04 6.53
CA ILE A 378 -13.80 25.66 6.91
C ILE A 378 -13.74 25.58 8.43
N ASP A 379 -14.48 24.65 9.00
CA ASP A 379 -14.44 24.36 10.43
C ASP A 379 -13.81 22.99 10.66
N LEU A 380 -13.69 22.62 11.93
CA LEU A 380 -13.11 21.33 12.28
C LEU A 380 -14.02 20.17 11.89
N SER A 381 -15.31 20.40 11.75
CA SER A 381 -16.26 19.34 11.43
C SER A 381 -16.18 18.90 9.97
N ASN A 382 -15.69 19.76 9.07
CA ASN A 382 -15.65 19.45 7.66
C ASN A 382 -14.26 19.57 7.05
N ALA A 383 -13.24 19.90 7.84
CA ALA A 383 -11.89 20.02 7.30
C ALA A 383 -11.34 18.66 6.90
N HIS A 384 -10.78 18.61 5.68
CA HIS A 384 -10.16 17.38 5.13
C HIS A 384 -8.68 17.66 4.88
N GLU A 385 -7.81 16.67 5.11
CA GLU A 385 -6.37 16.84 4.81
C GLU A 385 -6.14 16.23 3.43
N ASP A 386 -6.32 17.03 2.38
CA ASP A 386 -6.16 16.56 0.99
C ASP A 386 -4.69 16.24 0.69
N HIS A 387 -4.43 15.33 -0.24
CA HIS A 387 -3.03 15.08 -0.65
C HIS A 387 -2.86 15.75 -2.01
N ILE A 388 -2.20 16.90 -2.05
CA ILE A 388 -1.96 17.63 -3.33
C ILE A 388 -1.49 16.57 -4.31
N PHE A 389 -0.59 15.68 -3.87
CA PHE A 389 -0.14 14.59 -4.73
C PHE A 389 -1.05 13.39 -4.53
N PRO A 390 -1.74 12.92 -5.56
CA PRO A 390 -2.70 11.82 -5.36
C PRO A 390 -2.01 10.55 -4.89
N ARG A 391 -2.70 9.82 -4.00
CA ARG A 391 -2.21 8.53 -3.53
C ARG A 391 -2.54 7.39 -4.48
N LYS A 392 -3.36 7.65 -5.50
CA LYS A 392 -3.69 6.61 -6.48
C LYS A 392 -2.44 6.18 -7.24
N ALA A 393 -1.61 7.14 -7.66
CA ALA A 393 -0.35 6.85 -8.32
C ALA A 393 0.81 6.83 -7.34
N GLY A 394 1.05 7.94 -6.65
CA GLY A 394 2.08 8.00 -5.63
C GLY A 394 1.51 8.28 -4.26
N GLY A 395 1.73 9.49 -3.75
CA GLY A 395 1.14 9.91 -2.49
C GLY A 395 1.98 9.56 -1.28
N ILE A 396 2.34 10.57 -0.49
CA ILE A 396 3.08 10.39 0.75
C ILE A 396 2.46 11.28 1.81
N ASN A 397 2.20 10.71 2.99
CA ASN A 397 1.48 11.42 4.05
C ASN A 397 2.41 12.34 4.83
N ILE A 398 2.84 13.41 4.16
CA ILE A 398 3.69 14.42 4.77
C ILE A 398 2.86 15.65 5.09
N PHE A 399 3.40 16.51 5.94
CA PHE A 399 2.68 17.74 6.31
C PHE A 399 2.54 18.68 5.12
N GLY A 400 3.51 18.69 4.22
CA GLY A 400 3.47 19.57 3.07
C GLY A 400 2.63 19.10 1.91
N ASN A 401 1.99 17.94 2.03
CA ASN A 401 1.15 17.40 0.96
C ASN A 401 -0.34 17.55 1.23
N LEU A 402 -0.73 18.12 2.37
CA LEU A 402 -2.14 18.31 2.71
C LEU A 402 -2.35 19.75 3.15
N VAL A 403 -3.32 20.41 2.54
CA VAL A 403 -3.59 21.81 2.87
C VAL A 403 -5.03 22.06 3.30
N ALA A 404 -6.00 21.81 2.42
CA ALA A 404 -7.41 22.10 2.74
C ALA A 404 -8.31 21.57 1.64
N CYS A 405 -9.47 21.06 2.05
CA CYS A 405 -10.59 20.66 1.19
C CYS A 405 -11.80 20.49 2.10
N CYS A 406 -12.90 21.17 1.75
CA CYS A 406 -14.02 21.19 2.68
C CYS A 406 -15.07 20.10 2.40
N SER A 407 -15.78 20.20 1.28
CA SER A 407 -16.77 19.18 0.96
C SER A 407 -16.69 18.71 -0.49
N VAL A 408 -16.44 19.65 -1.41
CA VAL A 408 -16.57 19.35 -2.83
C VAL A 408 -15.22 19.34 -3.51
N CYS A 409 -14.29 20.17 -3.04
CA CYS A 409 -12.95 20.20 -3.63
C CYS A 409 -12.27 18.85 -3.49
N ASN A 410 -12.46 18.18 -2.35
CA ASN A 410 -11.97 16.81 -2.19
C ASN A 410 -12.68 15.86 -3.17
N GLU A 411 -14.00 16.00 -3.31
CA GLU A 411 -14.74 15.12 -4.21
C GLU A 411 -14.33 15.35 -5.66
N GLU A 412 -14.15 16.60 -6.07
CA GLU A 412 -13.75 16.89 -7.44
C GLU A 412 -12.35 16.36 -7.74
N LYS A 413 -11.43 16.53 -6.79
CA LYS A 413 -10.06 16.03 -6.99
C LYS A 413 -10.04 14.51 -7.06
N ARG A 414 -10.76 13.85 -6.14
CA ARG A 414 -10.93 12.40 -6.07
C ARG A 414 -9.66 11.62 -6.37
N GLY A 415 -8.52 12.14 -5.91
CA GLY A 415 -7.25 11.46 -6.09
C GLY A 415 -6.67 11.59 -7.48
N ARG A 416 -6.35 12.83 -7.88
CA ARG A 416 -5.72 13.09 -9.15
C ARG A 416 -4.90 14.37 -9.05
N THR A 417 -4.00 14.55 -10.00
CA THR A 417 -3.11 15.70 -9.98
C THR A 417 -3.90 16.99 -10.11
N PRO A 418 -3.63 18.02 -9.29
CA PRO A 418 -4.36 19.28 -9.44
C PRO A 418 -4.22 19.91 -10.81
N LEU A 419 -3.05 19.75 -11.45
CA LEU A 419 -2.91 20.21 -12.83
C LEU A 419 -3.84 19.45 -13.76
N GLU A 420 -3.95 18.13 -13.56
CA GLU A 420 -4.91 17.35 -14.34
C GLU A 420 -6.34 17.58 -13.86
N SER A 421 -6.53 17.79 -12.56
CA SER A 421 -7.87 18.06 -12.05
C SER A 421 -8.39 19.39 -12.57
N GLY A 422 -7.55 20.41 -12.62
CA GLY A 422 -7.96 21.73 -13.08
C GLY A 422 -8.45 22.66 -11.99
N ILE A 423 -8.61 22.18 -10.76
CA ILE A 423 -9.05 23.03 -9.65
C ILE A 423 -7.78 23.64 -9.07
N LEU A 424 -7.35 24.74 -9.67
CA LEU A 424 -6.13 25.41 -9.23
C LEU A 424 -6.38 26.12 -7.90
N PRO A 425 -5.38 26.15 -7.02
CA PRO A 425 -5.54 26.89 -5.76
C PRO A 425 -5.73 28.38 -6.00
N LYS A 426 -6.51 29.00 -5.12
CA LYS A 426 -6.78 30.43 -5.25
C LYS A 426 -5.51 31.23 -4.94
N PRO A 427 -5.08 32.13 -5.82
CA PRO A 427 -3.87 32.94 -5.60
C PRO A 427 -4.09 34.08 -4.60
N GLU A 428 -4.69 33.76 -3.45
CA GLU A 428 -4.91 34.74 -2.40
C GLU A 428 -4.43 34.19 -1.07
N ILE A 429 -4.41 32.86 -0.95
CA ILE A 429 -3.96 32.20 0.28
C ILE A 429 -2.58 31.57 0.11
N VAL A 430 -2.15 31.30 -1.13
CA VAL A 430 -0.82 30.72 -1.34
C VAL A 430 0.26 31.66 -0.87
N SER A 431 0.12 32.96 -1.17
CA SER A 431 1.12 33.94 -0.76
C SER A 431 1.14 34.15 0.75
N PHE A 432 0.10 33.72 1.46
CA PHE A 432 0.02 33.87 2.91
C PHE A 432 0.60 32.68 3.66
N ILE A 433 1.13 31.69 2.96
CA ILE A 433 1.69 30.50 3.60
C ILE A 433 3.15 30.79 3.97
N THR A 434 3.51 30.44 5.21
CA THR A 434 4.85 30.66 5.72
C THR A 434 5.78 29.48 5.47
N ASN A 435 5.31 28.44 4.78
CA ASN A 435 6.11 27.25 4.49
C ASN A 435 6.59 27.31 3.06
N ASP A 436 7.91 27.20 2.87
CA ASP A 436 8.48 27.22 1.53
C ASP A 436 8.15 25.96 0.75
N LEU A 437 8.06 24.82 1.43
CA LEU A 437 7.74 23.57 0.75
C LEU A 437 6.33 23.60 0.16
N LYS A 438 5.39 24.24 0.86
CA LYS A 438 4.02 24.31 0.37
C LYS A 438 3.93 25.11 -0.93
N LYS A 439 4.81 26.09 -1.09
CA LYS A 439 4.79 26.91 -2.31
C LYS A 439 5.09 26.06 -3.54
N LYS A 440 6.10 25.19 -3.45
CA LYS A 440 6.53 24.43 -4.63
C LYS A 440 5.50 23.37 -5.00
N ILE A 441 4.95 22.65 -4.00
CA ILE A 441 4.01 21.57 -4.30
C ILE A 441 2.71 22.13 -4.85
N LEU A 442 2.25 23.27 -4.33
CA LEU A 442 1.03 23.88 -4.84
C LEU A 442 1.21 24.40 -6.25
N GLU A 443 2.34 25.05 -6.54
CA GLU A 443 2.61 25.52 -7.89
C GLU A 443 2.77 24.34 -8.86
N ASP A 444 3.45 23.29 -8.43
CA ASP A 444 3.65 22.10 -9.27
C ASP A 444 3.66 20.88 -8.37
N ALA A 445 2.63 20.05 -8.50
CA ALA A 445 2.54 18.83 -7.69
C ALA A 445 3.61 17.80 -8.04
N GLN A 446 4.16 17.87 -9.25
CA GLN A 446 5.20 16.92 -9.65
C GLN A 446 6.54 17.20 -8.99
N TYR A 447 6.68 18.32 -8.28
CA TYR A 447 7.93 18.64 -7.61
C TYR A 447 8.28 17.63 -6.53
N ILE A 448 7.29 16.96 -5.95
CA ILE A 448 7.55 15.98 -4.90
C ILE A 448 8.33 14.79 -5.43
N ASN A 449 8.28 14.54 -6.74
CA ASN A 449 9.07 13.45 -7.31
C ASN A 449 10.57 13.77 -7.26
N THR A 450 10.94 15.04 -7.43
CA THR A 450 12.32 15.47 -7.35
C THR A 450 12.78 15.74 -5.92
N LEU A 451 11.88 15.61 -4.94
CA LEU A 451 12.23 15.86 -3.55
C LEU A 451 13.19 14.79 -3.05
N ASP A 452 14.00 15.15 -2.05
CA ASP A 452 14.98 14.25 -1.47
C ASP A 452 14.40 13.34 -0.40
N PHE A 453 13.08 13.14 -0.39
CA PHE A 453 12.42 12.26 0.57
C PHE A 453 11.60 11.22 -0.18
N ASN A 454 11.76 9.95 0.24
CA ASN A 454 11.03 8.86 -0.37
C ASN A 454 10.54 7.92 0.74
N LYS A 455 9.50 7.15 0.42
CA LYS A 455 8.94 6.22 1.39
C LYS A 455 9.89 5.08 1.71
N TYR A 456 10.87 4.81 0.84
CA TYR A 456 11.81 3.72 1.09
C TYR A 456 12.87 4.08 2.11
N MET A 457 13.06 5.37 2.40
CA MET A 457 13.98 5.77 3.46
C MET A 457 13.52 5.24 4.82
N SER A 458 12.21 5.36 5.09
CA SER A 458 11.67 4.79 6.32
C SER A 458 11.60 3.27 6.25
N HIS A 459 11.34 2.72 5.06
CA HIS A 459 11.28 1.27 4.91
C HIS A 459 12.64 0.63 5.21
N ALA A 460 13.72 1.25 4.75
CA ALA A 460 15.05 0.72 5.02
C ALA A 460 15.43 0.87 6.48
N SER A 461 15.09 2.02 7.08
CA SER A 461 15.46 2.26 8.47
C SER A 461 14.66 1.38 9.42
N ILE A 462 13.35 1.30 9.22
CA ILE A 462 12.49 0.47 10.07
C ILE A 462 12.69 -1.00 9.69
N GLY A 463 12.91 -1.85 10.68
CA GLY A 463 13.10 -3.26 10.46
C GLY A 463 14.51 -3.77 10.65
N TRP A 464 15.44 -2.94 11.14
CA TRP A 464 16.79 -3.42 11.40
C TRP A 464 16.79 -4.47 12.51
N ARG A 465 15.90 -4.31 13.49
CA ARG A 465 15.66 -5.34 14.48
C ARG A 465 14.73 -6.41 13.89
N HIS A 466 14.53 -7.48 14.66
CA HIS A 466 13.70 -8.62 14.27
C HIS A 466 14.37 -9.38 13.13
N MET A 467 15.50 -8.87 12.64
CA MET A 467 16.32 -9.54 11.65
C MET A 467 17.52 -10.25 12.27
N ARG A 468 18.19 -9.60 13.21
CA ARG A 468 19.28 -10.26 13.93
C ARG A 468 18.75 -11.42 14.78
N ASP A 469 17.59 -11.22 15.41
CA ASP A 469 17.01 -12.30 16.21
C ASP A 469 16.64 -13.49 15.34
N ARG A 470 16.05 -13.24 14.16
CA ARG A 470 15.74 -14.33 13.25
C ARG A 470 17.01 -14.97 12.70
N LEU A 471 18.03 -14.15 12.41
CA LEU A 471 19.30 -14.69 11.94
C LEU A 471 19.95 -15.56 13.02
N ARG A 472 19.90 -15.12 14.27
CA ARG A 472 20.46 -15.91 15.36
C ARG A 472 19.71 -17.22 15.54
N GLU A 473 18.38 -17.20 15.40
CA GLU A 473 17.59 -18.41 15.53
C GLU A 473 17.93 -19.41 14.43
N LEU A 474 18.10 -18.93 13.20
CA LEU A 474 18.33 -19.84 12.08
C LEU A 474 19.72 -20.47 12.15
N THR A 475 20.75 -19.67 12.42
CA THR A 475 22.13 -20.13 12.39
C THR A 475 22.68 -20.45 13.78
N GLY A 476 21.86 -20.39 14.82
CA GLY A 476 22.39 -20.60 16.15
C GLY A 476 23.26 -19.43 16.58
N ASN A 477 24.14 -19.71 17.54
CA ASN A 477 25.11 -18.75 18.06
C ASN A 477 24.37 -17.51 18.58
N LYS A 478 23.65 -17.75 19.68
CA LYS A 478 22.85 -16.68 20.30
C LYS A 478 23.70 -15.52 20.78
N GLU A 479 25.00 -15.71 20.95
CA GLU A 479 25.92 -14.65 21.34
C GLU A 479 26.57 -13.96 20.14
N LEU A 480 25.88 -13.93 19.00
CA LEU A 480 26.44 -13.33 17.79
C LEU A 480 26.64 -11.85 17.98
N LEU A 481 27.77 -11.35 17.47
CA LEU A 481 28.10 -9.93 17.53
C LEU A 481 27.45 -9.21 16.36
N ILE A 482 26.81 -8.08 16.65
CA ILE A 482 26.11 -7.28 15.64
C ILE A 482 26.78 -5.92 15.56
N LYS A 483 27.13 -5.51 14.35
CA LYS A 483 27.77 -4.22 14.11
C LYS A 483 27.05 -3.49 12.99
N ARG A 484 27.03 -2.16 13.10
CA ARG A 484 26.38 -1.29 12.11
C ARG A 484 27.41 -0.41 11.46
N GLN A 485 27.39 -0.37 10.13
CA GLN A 485 28.33 0.43 9.35
C GLN A 485 27.59 1.52 8.60
N SER A 486 28.07 2.75 8.71
CA SER A 486 27.46 3.88 8.04
C SER A 486 27.77 3.86 6.54
N GLY A 487 26.92 4.52 5.76
CA GLY A 487 27.12 4.59 4.33
C GLY A 487 28.26 5.47 3.90
N ILE A 488 28.69 6.40 4.75
CA ILE A 488 29.84 7.25 4.41
C ILE A 488 31.12 6.43 4.42
N TYR A 489 31.24 5.49 5.35
CA TYR A 489 32.46 4.69 5.45
C TYR A 489 32.63 3.77 4.24
N THR A 490 31.54 3.12 3.81
CA THR A 490 31.65 2.23 2.66
C THR A 490 31.85 3.01 1.36
N ALA A 491 31.44 4.28 1.33
CA ALA A 491 31.67 5.09 0.14
C ALA A 491 33.15 5.41 -0.04
N TYR A 492 33.86 5.61 1.08
CA TYR A 492 35.29 5.92 0.99
C TYR A 492 36.06 4.75 0.37
N PHE A 493 35.84 3.54 0.89
CA PHE A 493 36.54 2.36 0.38
C PHE A 493 36.11 1.99 -1.03
N ARG A 494 34.84 2.18 -1.38
CA ARG A 494 34.37 1.90 -2.73
C ARG A 494 35.04 2.80 -3.77
N LYS A 495 35.17 4.10 -3.48
CA LYS A 495 35.78 5.03 -4.41
C LYS A 495 37.30 4.97 -4.39
N TRP A 496 37.90 4.35 -3.37
CA TRP A 496 39.34 4.25 -3.28
C TRP A 496 39.88 2.94 -3.84
N TRP A 497 39.10 1.86 -3.80
CA TRP A 497 39.54 0.57 -4.33
C TRP A 497 39.35 0.46 -5.83
N GLY A 498 38.63 1.40 -6.46
CA GLY A 498 38.40 1.33 -7.89
C GLY A 498 37.04 0.77 -8.23
N PHE A 499 36.01 1.20 -7.53
CA PHE A 499 34.64 0.76 -7.77
C PHE A 499 33.76 1.97 -8.05
N ILE A 500 32.78 1.79 -8.93
CA ILE A 500 31.87 2.85 -9.33
C ILE A 500 30.46 2.47 -8.90
N LYS A 501 29.80 3.36 -8.16
CA LYS A 501 28.43 3.15 -7.72
C LYS A 501 27.49 3.65 -8.81
N GLU A 502 27.01 2.73 -9.64
CA GLU A 502 26.14 3.07 -10.75
C GLU A 502 24.68 2.99 -10.32
N ARG A 503 23.90 4.00 -10.68
CA ARG A 503 22.48 4.04 -10.39
C ARG A 503 21.64 3.34 -11.46
N GLY A 504 22.25 2.45 -12.24
CA GLY A 504 21.55 1.74 -13.30
C GLY A 504 21.19 0.33 -12.90
N ASN A 505 21.99 -0.63 -13.35
CA ASN A 505 21.73 -2.03 -13.03
C ASN A 505 21.80 -2.26 -11.52
N HIS A 506 20.99 -3.19 -11.04
CA HIS A 506 20.87 -3.46 -9.61
C HIS A 506 21.98 -4.38 -9.08
N GLY A 507 22.90 -4.82 -9.94
CA GLY A 507 23.99 -5.67 -9.47
C GLY A 507 24.95 -4.95 -8.55
N HIS A 508 24.91 -3.61 -8.54
CA HIS A 508 25.77 -2.84 -7.66
C HIS A 508 25.43 -3.03 -6.18
N HIS A 509 24.32 -3.69 -5.84
CA HIS A 509 24.03 -3.88 -4.38
C HIS A 509 24.88 -5.01 -3.78
N ALA A 510 25.16 -6.05 -4.54
CA ALA A 510 26.04 -7.14 -4.08
C ALA A 510 27.40 -6.57 -3.71
N LEU A 511 27.87 -5.56 -4.46
CA LEU A 511 29.20 -4.94 -4.20
C LEU A 511 29.16 -4.13 -2.91
N ASP A 512 28.08 -3.43 -2.65
CA ASP A 512 27.97 -2.73 -1.35
C ASP A 512 28.07 -3.80 -0.28
N ALA A 513 27.40 -4.94 -0.47
CA ALA A 513 27.49 -6.05 0.51
C ALA A 513 28.94 -6.53 0.72
N VAL A 514 29.68 -6.70 -0.38
CA VAL A 514 31.11 -7.13 -0.30
C VAL A 514 31.92 -6.07 0.45
N ILE A 515 31.70 -4.78 0.20
CA ILE A 515 32.54 -3.76 0.88
C ILE A 515 32.14 -3.74 2.36
N LEU A 516 30.89 -4.13 2.63
CA LEU A 516 30.37 -4.18 4.02
C LEU A 516 31.08 -5.30 4.79
N ALA A 517 31.31 -6.44 4.12
CA ALA A 517 31.96 -7.59 4.81
C ALA A 517 33.49 -7.53 4.78
N SER A 518 34.11 -6.69 3.94
CA SER A 518 35.55 -6.63 3.70
C SER A 518 36.28 -6.03 4.90
N LYS A 519 37.50 -6.50 5.13
CA LYS A 519 38.32 -5.98 6.22
C LYS A 519 38.71 -4.54 5.94
N LYS A 520 38.66 -3.71 6.98
CA LYS A 520 38.97 -2.29 6.89
C LYS A 520 40.28 -2.03 7.63
N SER A 521 41.36 -1.85 6.87
CA SER A 521 42.67 -1.55 7.42
C SER A 521 43.36 -0.56 6.49
N TYR A 522 43.49 0.69 6.93
CA TYR A 522 44.11 1.72 6.09
C TYR A 522 45.60 1.47 5.94
N ALA A 523 46.34 1.51 7.04
CA ALA A 523 47.79 1.32 7.05
C ALA A 523 48.48 2.26 6.06
N GLU A 524 49.62 1.83 5.52
CA GLU A 524 50.38 2.60 4.54
C GLU A 524 50.69 4.00 5.04
N ASP A 525 50.18 5.01 4.36
CA ASP A 525 50.41 6.42 4.70
C ASP A 525 49.10 7.19 4.67
N GLY A 526 48.07 6.62 5.29
CA GLY A 526 46.76 7.24 5.33
C GLY A 526 45.84 6.87 4.18
N LYS A 527 46.32 6.10 3.21
CA LYS A 527 45.52 5.67 2.07
C LYS A 527 45.04 4.24 2.28
N VAL A 528 43.98 3.88 1.56
CA VAL A 528 43.41 2.54 1.66
C VAL A 528 44.40 1.54 1.10
N ASP A 529 44.66 0.47 1.87
CA ASP A 529 45.62 -0.54 1.45
C ASP A 529 45.09 -1.27 0.23
N MET A 530 45.96 -1.51 -0.74
CA MET A 530 45.58 -2.16 -1.98
C MET A 530 45.74 -3.67 -1.96
N THR A 531 46.36 -4.23 -0.92
CA THR A 531 46.52 -5.68 -0.81
C THR A 531 45.35 -6.35 -0.11
N ILE A 532 44.41 -5.59 0.42
CA ILE A 532 43.21 -6.14 1.03
C ILE A 532 41.99 -6.02 0.10
N LYS A 533 42.25 -5.87 -1.20
CA LYS A 533 41.17 -5.79 -2.16
C LYS A 533 40.40 -7.10 -2.22
N PRO A 534 39.07 -7.07 -2.31
CA PRO A 534 38.30 -8.31 -2.47
C PRO A 534 38.72 -9.06 -3.72
N CYS A 535 38.77 -10.39 -3.61
CA CYS A 535 39.22 -11.25 -4.69
C CYS A 535 38.04 -11.98 -5.31
N GLY A 536 38.10 -12.15 -6.63
CA GLY A 536 37.04 -12.83 -7.35
C GLY A 536 37.17 -14.33 -7.30
N GLU A 537 37.10 -14.99 -8.46
CA GLU A 537 37.23 -16.45 -8.49
C GLU A 537 38.60 -16.88 -7.99
N ASP A 538 39.66 -16.33 -8.57
CA ASP A 538 41.01 -16.55 -8.05
C ASP A 538 41.67 -15.25 -7.60
N GLY A 539 41.82 -14.27 -8.49
CA GLY A 539 42.41 -13.00 -8.12
C GLY A 539 41.86 -11.82 -8.89
N LYS A 540 40.79 -12.04 -9.65
CA LYS A 540 40.30 -11.03 -10.59
C LYS A 540 39.43 -9.98 -9.91
N GLU A 541 39.91 -9.39 -8.82
CA GLU A 541 39.22 -8.31 -8.13
C GLU A 541 37.76 -8.66 -7.83
N PHE A 542 36.84 -7.85 -8.34
CA PHE A 542 35.41 -8.12 -8.17
C PHE A 542 34.67 -7.39 -9.28
N ASP A 543 34.02 -8.13 -10.17
CA ASP A 543 33.28 -7.58 -11.28
C ASP A 543 31.80 -7.87 -11.10
N ILE A 544 30.98 -6.81 -11.20
CA ILE A 544 29.53 -6.97 -11.03
C ILE A 544 28.95 -7.81 -12.17
N GLU A 545 29.37 -7.55 -13.40
CA GLU A 545 28.82 -8.20 -14.57
C GLU A 545 29.52 -9.50 -14.95
N ARG A 546 30.52 -9.92 -14.17
CA ARG A 546 31.27 -11.13 -14.52
C ARG A 546 31.31 -12.12 -13.35
N HIS A 547 31.35 -11.61 -12.13
CA HIS A 547 31.50 -12.45 -10.94
C HIS A 547 30.28 -12.36 -10.04
N LEU A 548 29.09 -12.38 -10.63
CA LEU A 548 27.84 -12.34 -9.89
C LEU A 548 26.87 -13.37 -10.47
N SER A 549 26.04 -13.92 -9.59
CA SER A 549 25.02 -14.87 -10.00
C SER A 549 23.72 -14.14 -10.32
N GLU A 550 22.71 -14.89 -10.72
CA GLU A 550 21.42 -14.29 -11.08
C GLU A 550 20.73 -13.75 -9.83
N MET A 551 20.28 -12.50 -9.89
CA MET A 551 19.57 -11.90 -8.77
C MET A 551 18.15 -12.47 -8.68
N LYS A 552 17.78 -12.90 -7.48
CA LYS A 552 16.52 -13.61 -7.29
C LYS A 552 15.33 -12.66 -7.44
N GLU A 553 14.22 -13.20 -7.94
CA GLU A 553 12.97 -12.47 -8.09
C GLU A 553 11.96 -13.02 -7.09
N PHE A 554 11.37 -12.14 -6.28
CA PHE A 554 10.30 -12.49 -5.37
C PHE A 554 9.04 -11.76 -5.83
N ARG A 555 8.09 -12.52 -6.38
CA ARG A 555 6.87 -11.96 -6.93
C ARG A 555 5.67 -12.50 -6.16
N ARG A 556 4.48 -12.15 -6.66
CA ARG A 556 3.22 -12.55 -6.03
C ARG A 556 2.55 -13.63 -6.89
N ASP A 557 2.10 -14.69 -6.23
CA ASP A 557 1.42 -15.80 -6.91
C ASP A 557 -0.08 -15.68 -6.67
N LYS A 558 -0.84 -15.67 -7.76
CA LYS A 558 -2.29 -15.56 -7.69
C LYS A 558 -2.99 -16.91 -7.71
N GLY A 559 -2.23 -18.01 -7.70
CA GLY A 559 -2.81 -19.34 -7.69
C GLY A 559 -3.28 -19.83 -6.33
N GLY A 560 -2.99 -19.09 -5.27
CA GLY A 560 -3.41 -19.49 -3.94
C GLY A 560 -4.85 -19.14 -3.65
N LYS A 561 -5.34 -19.63 -2.51
CA LYS A 561 -6.71 -19.38 -2.10
C LYS A 561 -6.91 -17.97 -1.57
N SER A 562 -5.83 -17.25 -1.25
CA SER A 562 -5.96 -15.88 -0.74
C SER A 562 -6.08 -14.84 -1.85
N ALA A 563 -5.85 -15.22 -3.10
CA ALA A 563 -5.97 -14.27 -4.20
C ALA A 563 -7.43 -13.90 -4.44
N PRO A 564 -7.68 -12.68 -4.90
CA PRO A 564 -9.07 -12.29 -5.21
C PRO A 564 -9.67 -13.16 -6.30
N LEU A 565 -10.96 -13.46 -6.17
CA LEU A 565 -11.64 -14.28 -7.16
C LEU A 565 -11.93 -13.51 -8.44
N HIS A 566 -12.19 -12.22 -8.34
CA HIS A 566 -12.52 -11.40 -9.50
C HIS A 566 -12.20 -9.94 -9.17
N ASP A 567 -12.58 -9.03 -10.07
CA ASP A 567 -12.34 -7.61 -9.87
C ASP A 567 -13.42 -7.02 -8.97
N ARG A 568 -13.07 -5.90 -8.33
CA ARG A 568 -13.97 -5.22 -7.40
C ARG A 568 -15.00 -4.35 -8.10
N ASN A 569 -14.83 -4.07 -9.39
CA ASN A 569 -15.76 -3.21 -10.11
C ASN A 569 -16.69 -4.06 -10.97
N PRO A 570 -17.98 -4.11 -10.68
CA PRO A 570 -18.89 -4.91 -11.51
C PRO A 570 -18.99 -4.36 -12.92
N LEU A 571 -19.23 -5.27 -13.86
CA LEU A 571 -19.37 -4.94 -15.26
C LEU A 571 -20.76 -5.29 -15.75
N SER A 572 -21.17 -4.65 -16.85
CA SER A 572 -22.46 -4.88 -17.46
C SER A 572 -22.30 -5.77 -18.69
N PHE A 573 -23.07 -6.86 -18.72
CA PHE A 573 -23.01 -7.84 -19.80
C PHE A 573 -24.41 -7.96 -20.41
N LYS A 574 -24.71 -7.09 -21.36
CA LYS A 574 -25.99 -7.09 -22.07
C LYS A 574 -25.72 -7.22 -23.57
N ASN A 575 -26.53 -8.02 -24.24
CA ASN A 575 -26.40 -8.27 -25.68
C ASN A 575 -25.02 -8.83 -26.02
N ASP A 576 -24.51 -9.67 -25.13
CA ASP A 576 -23.24 -10.41 -25.30
C ASP A 576 -22.05 -9.49 -25.50
N ILE A 577 -22.04 -8.31 -24.89
CA ILE A 577 -20.89 -7.39 -24.93
C ILE A 577 -20.66 -6.87 -23.52
N ILE A 578 -19.39 -6.74 -23.14
CA ILE A 578 -19.00 -6.26 -21.82
C ILE A 578 -18.82 -4.74 -21.90
N THR A 579 -19.59 -4.02 -21.09
CA THR A 579 -19.54 -2.56 -21.09
C THR A 579 -19.61 -2.06 -19.65
N ARG A 580 -19.11 -0.84 -19.46
CA ARG A 580 -19.13 -0.19 -18.16
C ARG A 580 -19.19 1.32 -18.36
N ARG A 581 -19.64 2.02 -17.33
CA ARG A 581 -19.76 3.48 -17.37
C ARG A 581 -18.52 4.11 -16.77
N PHE A 582 -17.94 5.05 -17.51
CA PHE A 582 -16.73 5.74 -17.08
C PHE A 582 -16.93 7.24 -17.17
N MET A 583 -16.26 7.97 -16.28
CA MET A 583 -16.34 9.43 -16.28
C MET A 583 -15.65 10.00 -17.51
N VAL A 584 -16.12 11.17 -17.95
CA VAL A 584 -15.54 11.82 -19.11
C VAL A 584 -14.09 12.20 -18.84
N THR A 585 -13.82 12.76 -17.65
CA THR A 585 -12.45 13.11 -17.28
C THR A 585 -11.60 11.87 -17.07
N GLU A 586 -12.21 10.76 -16.66
CA GLU A 586 -11.46 9.52 -16.41
C GLU A 586 -11.01 8.83 -17.70
N ILE A 587 -11.54 9.23 -18.85
CA ILE A 587 -11.21 8.59 -20.12
C ILE A 587 -9.83 9.07 -20.57
N GLU A 588 -8.91 8.13 -20.78
CA GLU A 588 -7.57 8.47 -21.24
C GLU A 588 -7.61 8.95 -22.69
N CYS A 589 -6.71 9.86 -23.01
CA CYS A 589 -6.61 10.38 -24.37
C CYS A 589 -6.14 9.28 -25.32
N GLY A 590 -6.75 9.24 -26.50
CA GLY A 590 -6.45 8.23 -27.49
C GLY A 590 -7.19 6.92 -27.34
N LYS A 591 -8.01 6.79 -26.30
CA LYS A 591 -8.81 5.58 -26.05
C LYS A 591 -10.29 5.91 -26.02
N GLU A 592 -10.72 6.85 -26.86
CA GLU A 592 -12.11 7.27 -26.92
C GLU A 592 -12.94 6.45 -27.90
N ALA A 593 -12.32 5.51 -28.61
CA ALA A 593 -13.05 4.69 -29.58
C ALA A 593 -13.98 3.67 -28.92
N VAL A 594 -13.85 3.44 -27.61
CA VAL A 594 -14.69 2.47 -26.93
C VAL A 594 -16.07 3.01 -26.57
N ILE A 595 -16.30 4.31 -26.74
CA ILE A 595 -17.59 4.89 -26.37
C ILE A 595 -18.65 4.43 -27.37
N ILE A 596 -19.76 3.90 -26.83
CA ILE A 596 -20.84 3.43 -27.69
C ILE A 596 -21.54 4.60 -28.37
N SER A 597 -21.69 5.72 -27.66
CA SER A 597 -22.39 6.87 -28.21
C SER A 597 -21.64 7.42 -29.43
N GLU A 598 -22.39 7.70 -30.48
CA GLU A 598 -21.83 8.22 -31.72
C GLU A 598 -21.76 9.74 -31.76
N GLU A 599 -22.15 10.41 -30.69
CA GLU A 599 -22.11 11.87 -30.60
C GLU A 599 -21.16 12.38 -29.54
N TYR A 600 -21.14 11.75 -28.36
CA TYR A 600 -20.23 12.18 -27.31
C TYR A 600 -18.80 11.75 -27.60
N ARG A 601 -18.61 10.65 -28.31
CA ARG A 601 -17.27 10.22 -28.69
C ARG A 601 -16.61 11.25 -29.60
N LYS A 602 -17.35 11.77 -30.59
CA LYS A 602 -16.81 12.82 -31.44
C LYS A 602 -16.55 14.09 -30.66
N LYS A 603 -17.43 14.43 -29.71
CA LYS A 603 -17.23 15.61 -28.89
C LYS A 603 -15.97 15.49 -28.04
N LEU A 604 -15.72 14.29 -27.48
CA LEU A 604 -14.50 14.07 -26.71
C LEU A 604 -13.26 14.21 -27.59
N THR A 605 -13.31 13.65 -28.80
CA THR A 605 -12.18 13.79 -29.71
C THR A 605 -11.96 15.24 -30.12
N GLU A 606 -13.05 15.98 -30.35
CA GLU A 606 -12.91 17.39 -30.71
C GLU A 606 -12.32 18.19 -29.56
N ALA A 607 -12.74 17.91 -28.32
CA ALA A 607 -12.20 18.62 -27.17
C ALA A 607 -10.71 18.34 -27.00
N PHE A 608 -10.29 17.09 -27.21
CA PHE A 608 -8.87 16.75 -27.10
C PHE A 608 -8.05 17.49 -28.14
N LYS A 609 -8.54 17.54 -29.39
CA LYS A 609 -7.81 18.22 -30.44
C LYS A 609 -7.79 19.73 -30.24
N ARG A 610 -8.91 20.29 -29.80
CA ARG A 610 -8.98 21.73 -29.64
C ARG A 610 -8.03 22.18 -28.56
N PHE A 611 -8.07 21.52 -27.41
CA PHE A 611 -7.26 21.94 -26.28
C PHE A 611 -5.80 21.50 -26.39
N GLY A 612 -5.46 20.66 -27.35
CA GLY A 612 -4.09 20.21 -27.52
C GLY A 612 -3.62 19.32 -26.38
N ILE A 613 -4.22 18.14 -26.25
CA ILE A 613 -3.90 17.21 -25.18
C ILE A 613 -3.30 15.94 -25.80
N ALA A 614 -2.11 15.57 -25.35
CA ALA A 614 -1.44 14.39 -25.87
C ALA A 614 -1.99 13.13 -25.22
N LYS A 615 -1.57 11.98 -25.74
CA LYS A 615 -2.02 10.70 -25.22
C LYS A 615 -1.51 10.49 -23.79
N GLY A 616 -2.33 9.82 -22.98
CA GLY A 616 -2.01 9.56 -21.59
C GLY A 616 -2.47 10.62 -20.61
N LYS A 617 -3.04 11.71 -21.09
CA LYS A 617 -3.53 12.78 -20.23
C LYS A 617 -5.06 12.76 -20.18
N TYR A 618 -5.60 13.53 -19.25
CA TYR A 618 -7.04 13.60 -19.01
C TYR A 618 -7.54 15.02 -19.26
N LEU A 619 -8.82 15.22 -19.00
CA LEU A 619 -9.47 16.52 -19.16
C LEU A 619 -9.71 17.14 -17.78
N THR A 620 -9.32 18.39 -17.63
CA THR A 620 -9.50 19.08 -16.37
C THR A 620 -10.97 19.45 -16.17
N ASP A 621 -11.32 19.79 -14.92
CA ASP A 621 -12.69 20.18 -14.60
C ASP A 621 -13.10 21.43 -15.35
N GLU A 622 -12.21 22.42 -15.42
CA GLU A 622 -12.52 23.65 -16.15
C GLU A 622 -12.66 23.38 -17.64
N GLN A 623 -11.76 22.56 -18.20
CA GLN A 623 -11.84 22.23 -19.62
C GLN A 623 -13.10 21.45 -19.95
N ALA A 624 -13.46 20.49 -19.08
CA ALA A 624 -14.67 19.71 -19.32
C ALA A 624 -15.92 20.57 -19.27
N LYS A 625 -15.97 21.51 -18.33
CA LYS A 625 -17.13 22.39 -18.23
C LYS A 625 -17.26 23.27 -19.47
N ASP A 626 -16.13 23.79 -19.97
CA ASP A 626 -16.15 24.65 -21.16
C ASP A 626 -16.38 23.87 -22.44
N ALA A 627 -16.27 22.54 -22.42
CA ALA A 627 -16.45 21.71 -23.59
C ALA A 627 -17.82 21.05 -23.65
N GLY A 628 -18.74 21.45 -22.76
CA GLY A 628 -20.07 20.88 -22.75
C GLY A 628 -20.17 19.51 -22.12
N PHE A 629 -19.20 19.12 -21.28
CA PHE A 629 -19.22 17.84 -20.58
C PHE A 629 -19.60 17.99 -19.12
N TYR A 630 -20.49 18.93 -18.80
CA TYR A 630 -20.87 19.19 -17.41
C TYR A 630 -22.38 19.27 -17.22
N LEU A 631 -23.15 18.59 -18.05
CA LEU A 631 -24.61 18.64 -17.97
C LEU A 631 -25.18 17.50 -17.10
N ARG A 632 -24.62 17.39 -15.89
CA ARG A 632 -25.01 16.33 -14.97
C ARG A 632 -25.92 16.82 -13.85
N LYS A 633 -25.50 17.83 -13.08
CA LYS A 633 -26.29 18.37 -11.97
C LYS A 633 -26.43 19.88 -12.16
N ASN A 634 -27.42 20.27 -12.95
CA ASN A 634 -27.72 21.69 -13.19
C ASN A 634 -26.49 22.44 -13.67
N GLY A 635 -25.70 21.80 -14.52
CA GLY A 635 -24.46 22.38 -15.00
C GLY A 635 -23.42 22.60 -13.91
N GLU A 636 -23.31 21.65 -12.97
CA GLU A 636 -22.34 21.79 -11.89
C GLU A 636 -21.61 20.47 -11.59
N GLY A 637 -21.53 19.57 -12.56
CA GLY A 637 -20.82 18.33 -12.37
C GLY A 637 -20.62 17.60 -13.67
N VAL A 638 -19.59 16.78 -13.72
CA VAL A 638 -19.26 16.02 -14.92
C VAL A 638 -20.19 14.81 -15.03
N MET A 639 -20.36 14.32 -16.26
CA MET A 639 -21.23 13.19 -16.53
C MET A 639 -20.40 11.91 -16.68
N SER A 640 -21.06 10.82 -17.05
CA SER A 640 -20.40 9.54 -17.27
C SER A 640 -20.86 8.97 -18.61
N LEU A 641 -19.98 8.21 -19.24
CA LEU A 641 -20.25 7.62 -20.55
C LEU A 641 -20.06 6.11 -20.48
N LYS A 642 -20.89 5.40 -21.24
CA LYS A 642 -20.84 3.94 -21.29
C LYS A 642 -19.86 3.52 -22.39
N CYS A 643 -18.78 2.85 -22.01
CA CYS A 643 -17.75 2.42 -22.94
C CYS A 643 -17.44 0.95 -22.73
N GLU A 644 -17.12 0.27 -23.83
CA GLU A 644 -16.75 -1.14 -23.76
C GLU A 644 -15.40 -1.32 -23.08
N VAL A 645 -15.26 -2.43 -22.38
CA VAL A 645 -14.03 -2.74 -21.65
C VAL A 645 -13.15 -3.62 -22.53
N LYS A 646 -11.93 -3.16 -22.79
CA LYS A 646 -10.99 -3.90 -23.61
C LYS A 646 -10.15 -4.85 -22.77
N GLY A 647 -9.51 -5.81 -23.44
CA GLY A 647 -8.70 -6.79 -22.75
C GLY A 647 -9.48 -7.71 -21.84
N THR A 648 -10.68 -8.11 -22.25
CA THR A 648 -11.52 -9.00 -21.46
C THR A 648 -12.20 -9.99 -22.39
N GLY A 649 -12.21 -11.26 -21.99
CA GLY A 649 -12.84 -12.32 -22.75
C GLY A 649 -14.08 -12.86 -22.07
N TYR A 650 -14.82 -13.67 -22.83
CA TYR A 650 -16.05 -14.26 -22.30
C TYR A 650 -15.76 -15.30 -21.21
N ASN A 651 -14.63 -15.99 -21.30
CA ASN A 651 -14.28 -16.99 -20.30
C ASN A 651 -13.97 -16.38 -18.94
N GLN A 652 -13.68 -15.08 -18.89
CA GLN A 652 -13.31 -14.44 -17.61
C GLN A 652 -14.57 -13.89 -16.93
N MET A 653 -15.74 -14.00 -17.56
CA MET A 653 -16.96 -13.41 -17.02
C MET A 653 -17.64 -14.40 -16.08
N ILE A 654 -17.85 -13.97 -14.84
CA ILE A 654 -18.56 -14.78 -13.84
C ILE A 654 -19.67 -13.93 -13.25
N ARG A 655 -20.86 -14.51 -13.14
CA ARG A 655 -22.02 -13.83 -12.58
C ARG A 655 -22.29 -14.33 -11.18
N ILE A 656 -22.31 -13.41 -10.21
CA ILE A 656 -22.64 -13.72 -8.83
C ILE A 656 -23.82 -12.85 -8.44
N LYS A 657 -24.91 -13.47 -8.01
CA LYS A 657 -26.17 -12.79 -7.68
C LYS A 657 -26.59 -12.01 -8.92
N ASN A 658 -26.88 -10.71 -8.82
CA ASN A 658 -27.22 -9.88 -9.97
C ASN A 658 -26.02 -9.16 -10.56
N ASN A 659 -24.84 -9.31 -9.97
CA ASN A 659 -23.64 -8.63 -10.41
C ASN A 659 -22.78 -9.55 -11.27
N ILE A 660 -22.02 -8.94 -12.18
CA ILE A 660 -21.14 -9.66 -13.09
C ILE A 660 -19.75 -9.05 -12.98
N PHE A 661 -18.74 -9.89 -12.77
CA PHE A 661 -17.37 -9.45 -12.60
C PHE A 661 -16.46 -10.14 -13.60
N LYS A 662 -15.27 -9.58 -13.77
CA LYS A 662 -14.23 -10.18 -14.59
C LYS A 662 -13.21 -10.86 -13.67
N THR A 663 -12.95 -12.14 -13.92
CA THR A 663 -12.06 -12.93 -13.09
C THR A 663 -10.74 -13.18 -13.79
N ASN A 664 -9.71 -13.45 -12.99
CA ASN A 664 -8.39 -13.81 -13.49
C ASN A 664 -7.89 -15.15 -12.99
N VAL A 665 -8.58 -15.79 -12.05
CA VAL A 665 -8.20 -17.09 -11.54
C VAL A 665 -9.04 -18.20 -12.16
N HIS A 666 -9.65 -17.94 -13.32
CA HIS A 666 -10.50 -18.93 -13.97
C HIS A 666 -9.72 -20.15 -14.46
N ASN A 667 -8.41 -20.03 -14.64
CA ASN A 667 -7.57 -21.14 -15.09
C ASN A 667 -6.67 -21.57 -13.94
N VAL A 668 -6.71 -22.85 -13.60
CA VAL A 668 -5.88 -23.42 -12.55
C VAL A 668 -4.84 -24.38 -13.08
N GLY A 669 -4.94 -24.80 -14.33
CA GLY A 669 -3.96 -25.71 -14.90
C GLY A 669 -4.39 -26.15 -16.28
N VAL A 670 -3.48 -26.89 -16.92
CA VAL A 670 -3.72 -27.44 -18.26
C VAL A 670 -3.73 -28.96 -18.13
N ALA A 671 -4.82 -29.59 -18.57
CA ALA A 671 -4.97 -31.03 -18.52
C ALA A 671 -4.83 -31.60 -19.92
N VAL A 672 -3.97 -32.60 -20.07
CA VAL A 672 -3.74 -33.27 -21.34
C VAL A 672 -4.24 -34.71 -21.21
N PHE A 673 -5.11 -35.13 -22.13
CA PHE A 673 -5.71 -36.45 -22.10
C PHE A 673 -5.64 -37.06 -23.50
N LEU A 674 -6.23 -38.24 -23.64
CA LEU A 674 -6.28 -38.96 -24.90
C LEU A 674 -7.70 -38.91 -25.45
N ASP A 675 -7.84 -38.47 -26.69
CA ASP A 675 -9.14 -38.37 -27.33
C ASP A 675 -9.64 -39.76 -27.73
N GLU A 676 -10.91 -39.81 -28.15
CA GLU A 676 -11.49 -41.07 -28.59
C GLU A 676 -10.80 -41.59 -29.84
N LYS A 677 -10.47 -40.70 -30.78
CA LYS A 677 -9.76 -41.12 -31.99
C LYS A 677 -8.39 -41.68 -31.66
N GLY A 678 -7.67 -41.04 -30.74
CA GLY A 678 -6.35 -41.50 -30.35
C GLY A 678 -5.34 -40.38 -30.20
N LYS A 679 -5.52 -39.30 -30.95
CA LYS A 679 -4.61 -38.18 -30.88
C LYS A 679 -4.73 -37.46 -29.53
N LYS A 680 -3.60 -36.98 -29.02
CA LYS A 680 -3.59 -36.28 -27.75
C LYS A 680 -4.30 -34.93 -27.87
N ARG A 681 -4.98 -34.55 -26.78
CA ARG A 681 -5.71 -33.29 -26.73
C ARG A 681 -5.40 -32.60 -25.40
N ALA A 682 -5.51 -31.27 -25.41
CA ALA A 682 -5.23 -30.46 -24.23
C ALA A 682 -6.43 -29.56 -23.94
N CYS A 683 -6.77 -29.46 -22.66
CA CYS A 683 -7.87 -28.62 -22.20
C CYS A 683 -7.43 -27.80 -21.01
N GLU A 684 -8.27 -26.85 -20.61
CA GLU A 684 -7.98 -25.95 -19.51
C GLU A 684 -8.88 -26.28 -18.33
N LEU A 685 -8.28 -26.49 -17.16
CA LEU A 685 -9.04 -26.78 -15.95
C LEU A 685 -9.53 -25.49 -15.32
N LYS A 686 -10.81 -25.45 -14.95
CA LYS A 686 -11.41 -24.27 -14.36
C LYS A 686 -11.31 -24.32 -12.84
N ASN A 687 -11.49 -23.16 -12.22
CA ASN A 687 -11.42 -23.07 -10.76
C ASN A 687 -12.63 -23.77 -10.15
N PRO A 688 -12.42 -24.71 -9.22
CA PRO A 688 -13.57 -25.36 -8.58
C PRO A 688 -14.47 -24.41 -7.81
N ARG A 689 -13.91 -23.35 -7.23
CA ARG A 689 -14.70 -22.38 -6.47
C ARG A 689 -15.52 -21.45 -7.36
N LEU A 690 -15.31 -21.47 -8.68
CA LEU A 690 -16.06 -20.62 -9.58
C LEU A 690 -16.65 -21.39 -10.75
N SER A 691 -16.69 -22.71 -10.67
CA SER A 691 -17.18 -23.51 -11.79
C SER A 691 -18.65 -23.25 -12.08
N LYS A 692 -19.47 -23.14 -11.04
CA LYS A 692 -20.89 -22.92 -11.21
C LYS A 692 -21.25 -21.48 -11.50
N HIS A 693 -20.31 -20.54 -11.31
CA HIS A 693 -20.57 -19.12 -11.54
C HIS A 693 -20.15 -18.66 -12.92
N PHE A 694 -19.63 -19.56 -13.77
CA PHE A 694 -19.23 -19.16 -15.11
C PHE A 694 -20.46 -18.88 -15.97
N VAL A 695 -20.43 -17.74 -16.67
CA VAL A 695 -21.55 -17.37 -17.52
C VAL A 695 -21.69 -18.36 -18.67
N LYS A 696 -20.57 -18.72 -19.31
CA LYS A 696 -20.59 -19.64 -20.43
C LYS A 696 -20.06 -21.00 -20.02
N PRO A 697 -20.60 -22.09 -20.57
CA PRO A 697 -20.10 -23.42 -20.23
C PRO A 697 -18.66 -23.60 -20.69
N ALA A 698 -17.91 -24.38 -19.91
CA ALA A 698 -16.50 -24.66 -20.20
C ALA A 698 -16.37 -26.06 -20.79
N GLU A 699 -15.12 -26.44 -21.07
CA GLU A 699 -14.81 -27.75 -21.63
C GLU A 699 -14.23 -28.65 -20.54
N GLN A 700 -14.82 -29.83 -20.38
CA GLN A 700 -14.41 -30.78 -19.37
C GLN A 700 -13.41 -31.77 -19.97
N VAL A 701 -13.04 -32.78 -19.17
CA VAL A 701 -12.09 -33.80 -19.57
C VAL A 701 -12.86 -35.06 -19.94
N LYS A 702 -12.62 -35.59 -21.14
CA LYS A 702 -13.29 -36.78 -21.62
C LYS A 702 -12.45 -38.04 -21.41
N GLY A 703 -11.22 -38.05 -21.94
CA GLY A 703 -10.34 -39.19 -21.80
C GLY A 703 -9.54 -39.17 -20.51
N LYS A 704 -8.68 -40.17 -20.37
CA LYS A 704 -7.83 -40.28 -19.19
C LYS A 704 -6.70 -39.27 -19.27
N VAL A 705 -6.52 -38.50 -18.20
CA VAL A 705 -5.48 -37.47 -18.17
C VAL A 705 -4.13 -38.13 -17.93
N ILE A 706 -3.16 -37.79 -18.75
CA ILE A 706 -1.81 -38.34 -18.59
C ILE A 706 -0.95 -37.48 -17.65
N PHE A 707 -1.07 -36.16 -17.74
CA PHE A 707 -0.39 -35.26 -16.81
C PHE A 707 -1.16 -33.94 -16.80
N ILE A 708 -0.94 -33.15 -15.76
CA ILE A 708 -1.59 -31.85 -15.59
C ILE A 708 -0.51 -30.81 -15.37
N LEU A 709 -0.57 -29.72 -16.15
CA LEU A 709 0.39 -28.63 -16.06
C LEU A 709 -0.06 -27.61 -15.03
N LYS A 710 0.90 -26.90 -14.45
CA LYS A 710 0.64 -25.87 -13.45
C LYS A 710 1.69 -24.77 -13.57
N ARG A 711 1.39 -23.63 -12.96
CA ARG A 711 2.32 -22.51 -12.97
C ARG A 711 3.59 -22.85 -12.19
N GLY A 712 4.71 -22.37 -12.70
CA GLY A 712 5.99 -22.63 -12.05
C GLY A 712 6.53 -24.02 -12.23
N ASN A 713 6.05 -24.76 -13.22
CA ASN A 713 6.51 -26.11 -13.50
C ASN A 713 7.56 -26.09 -14.59
N MET A 714 8.71 -26.73 -14.33
CA MET A 714 9.79 -26.80 -15.30
C MET A 714 9.42 -27.79 -16.40
N VAL A 715 9.31 -27.31 -17.64
CA VAL A 715 8.94 -28.13 -18.77
C VAL A 715 9.96 -27.95 -19.88
N THR A 716 10.00 -28.92 -20.78
CA THR A 716 10.90 -28.91 -21.93
C THR A 716 10.10 -29.12 -23.21
N VAL A 717 10.63 -28.62 -24.31
CA VAL A 717 10.01 -28.77 -25.62
C VAL A 717 10.37 -30.14 -26.18
N GLU A 718 9.51 -30.65 -27.07
CA GLU A 718 9.75 -31.95 -27.67
C GLU A 718 10.99 -31.97 -28.55
N GLY A 719 11.41 -30.82 -29.05
CA GLY A 719 12.59 -30.75 -29.90
C GLY A 719 13.68 -29.86 -29.34
N GLU A 720 13.77 -29.78 -28.02
CA GLU A 720 14.79 -28.98 -27.36
C GLU A 720 15.05 -29.55 -25.98
N GLU A 721 16.21 -29.18 -25.43
CA GLU A 721 16.62 -29.63 -24.10
C GLU A 721 16.61 -28.50 -23.07
N MET A 722 16.18 -27.31 -23.44
CA MET A 722 16.14 -26.20 -22.50
C MET A 722 15.02 -26.37 -21.48
N ILE A 723 15.17 -25.72 -20.34
CA ILE A 723 14.19 -25.78 -19.26
C ILE A 723 13.41 -24.47 -19.27
N TYR A 724 12.07 -24.59 -19.35
CA TYR A 724 11.19 -23.44 -19.39
C TYR A 724 10.20 -23.50 -18.23
N ARG A 725 9.74 -22.33 -17.80
CA ARG A 725 8.79 -22.21 -16.71
C ARG A 725 7.46 -21.69 -17.25
N VAL A 726 6.38 -22.41 -16.95
CA VAL A 726 5.05 -22.04 -17.43
C VAL A 726 4.54 -20.85 -16.64
N LYS A 727 4.06 -19.83 -17.35
CA LYS A 727 3.51 -18.62 -16.73
C LYS A 727 2.01 -18.48 -16.92
N LYS A 728 1.48 -18.88 -18.08
CA LYS A 728 0.05 -18.77 -18.36
C LYS A 728 -0.47 -20.12 -18.83
N LEU A 729 -1.66 -20.48 -18.35
CA LEU A 729 -2.29 -21.74 -18.73
C LEU A 729 -3.10 -21.54 -20.01
N GLY A 730 -3.86 -22.56 -20.40
CA GLY A 730 -4.67 -22.52 -21.60
C GLY A 730 -4.18 -23.53 -22.63
N THR A 731 -4.85 -23.47 -23.79
CA THR A 731 -4.49 -24.35 -24.90
C THR A 731 -3.11 -24.04 -25.47
N SER A 732 -2.63 -22.82 -25.29
CA SER A 732 -1.30 -22.40 -25.75
C SER A 732 -0.55 -21.81 -24.57
N PRO A 733 0.03 -22.65 -23.72
CA PRO A 733 0.74 -22.14 -22.54
C PRO A 733 1.94 -21.28 -22.93
N VAL A 734 2.22 -20.29 -22.08
CA VAL A 734 3.34 -19.38 -22.27
C VAL A 734 4.47 -19.81 -21.34
N ILE A 735 5.66 -20.04 -21.91
CA ILE A 735 6.80 -20.52 -21.16
C ILE A 735 7.99 -19.60 -21.40
N GLU A 736 8.90 -19.59 -20.43
CA GLU A 736 10.08 -18.74 -20.49
C GLU A 736 11.24 -19.45 -19.81
N ALA A 737 12.44 -19.28 -20.36
CA ALA A 737 13.61 -19.95 -19.82
C ALA A 737 14.01 -19.33 -18.48
N ILE A 738 14.43 -20.20 -17.56
CA ILE A 738 14.82 -19.74 -16.22
C ILE A 738 16.04 -18.83 -16.31
N VAL A 739 17.03 -19.21 -17.12
CA VAL A 739 18.25 -18.43 -17.29
C VAL A 739 18.35 -18.02 -18.77
N GLY A 740 18.49 -16.72 -19.01
CA GLY A 740 18.62 -16.22 -20.35
C GLY A 740 17.33 -15.70 -20.94
N SER A 741 17.22 -15.73 -22.27
CA SER A 741 16.07 -15.31 -23.06
C SER A 741 15.83 -13.81 -23.02
N ASP A 742 16.61 -13.04 -22.26
CA ASP A 742 16.47 -11.59 -22.16
C ASP A 742 15.08 -11.16 -21.72
N GLY A 743 14.39 -12.03 -20.98
CA GLY A 743 13.04 -11.75 -20.52
C GLY A 743 11.94 -12.06 -21.52
N LYS A 744 12.29 -12.49 -22.73
CA LYS A 744 11.28 -12.80 -23.72
C LYS A 744 10.60 -14.13 -23.41
N THR A 745 9.29 -14.17 -23.64
CA THR A 745 8.50 -15.36 -23.40
C THR A 745 8.25 -16.12 -24.71
N ARG A 746 8.05 -17.43 -24.59
CA ARG A 746 7.81 -18.30 -25.73
C ARG A 746 6.44 -18.94 -25.60
N THR A 747 5.67 -18.91 -26.68
CA THR A 747 4.35 -19.51 -26.73
C THR A 747 4.37 -20.75 -27.60
N VAL A 748 3.86 -21.85 -27.07
CA VAL A 748 3.83 -23.12 -27.78
C VAL A 748 2.66 -23.95 -27.25
N SER A 749 2.07 -24.74 -28.14
CA SER A 749 0.93 -25.57 -27.75
C SER A 749 1.36 -26.66 -26.76
N ALA A 750 0.46 -27.00 -25.85
CA ALA A 750 0.75 -28.02 -24.84
C ALA A 750 0.80 -29.42 -25.43
N THR A 751 0.22 -29.63 -26.62
CA THR A 751 0.26 -30.95 -27.25
C THR A 751 1.69 -31.37 -27.56
N LYS A 752 2.48 -30.44 -28.12
CA LYS A 752 3.88 -30.71 -28.44
C LYS A 752 4.83 -30.32 -27.31
N LEU A 753 4.35 -30.33 -26.07
CA LEU A 753 5.16 -29.95 -24.92
C LEU A 753 5.11 -31.06 -23.88
N LEU A 754 6.23 -31.27 -23.20
CA LEU A 754 6.35 -32.30 -22.19
C LEU A 754 6.84 -31.69 -20.88
N LYS A 755 6.42 -32.31 -19.78
CA LYS A 755 6.78 -31.84 -18.44
C LYS A 755 7.96 -32.62 -17.92
N ILE A 756 8.96 -31.91 -17.41
CA ILE A 756 10.17 -32.53 -16.88
C ILE A 756 9.95 -32.92 -15.42
#